data_4UQ2
#
_entry.id   4UQ2
#
_cell.length_a   52.140
_cell.length_b   71.460
_cell.length_c   75.430
_cell.angle_alpha   106.74
_cell.angle_beta   96.74
_cell.angle_gamma   105.28
#
_symmetry.space_group_name_H-M   'P 1'
#
loop_
_entity.id
_entity.type
_entity.pdbx_description
1 polymer 'HLA CLASS I HISTOCOMPATIBILITY ANTIGEN, A-11 ALPHA CHAIN'
2 polymer BETA-2-MICROGLOBULIN
3 polymer 'AZOBENZENE-CONTAINING PEPTIDE'
4 water water
#
loop_
_entity_poly.entity_id
_entity_poly.type
_entity_poly.pdbx_seq_one_letter_code
_entity_poly.pdbx_strand_id
1 'polypeptide(L)'
;GSHSMRYFYTSVSRPGRGEPRFIAVGYVDDTQFVRFDSDAASQRMEPRAPWIEQEGPEYWDQETRNVKAQSQTDRVDLGT
LRGYYNQSEDGSHTIQIMYGCDVGPDGRFLRGYRQDAYDGKDYIALNEDLRSWTAADMAAQITKRKWEAAHAAEQQRAYL
EGRCVEWLRRYLENGKETLQRTDPPKTHMTHHPISDHEATLRCWALGFYPAEITLTWQRDGEDQTQDTELVETRPAGDGT
FQKWAAVVVPSGEEQRYTCHVQHEGLPKPLTLRWE
;
A,C
2 'polypeptide(L)'
;IQRTPKIQVYSRHPAENGKSNFLNCYVSGFHPSDIEVDLLKNGERIEKVEHSDLSFSKDWSFYLLYYTEFTPTEKDEYAC
RVNHVTLSQPKIVKWDRDM
;
B,D
3 'polypeptide(L)' AIM(XY1)YPK E,G
#
# COMPACT_ATOMS: atom_id res chain seq x y z
N GLY A 1 7.10 23.56 20.87
CA GLY A 1 7.63 22.46 21.73
C GLY A 1 7.61 21.15 20.95
N SER A 2 7.56 20.04 21.68
CA SER A 2 7.37 18.73 21.09
C SER A 2 5.96 18.54 20.46
N HIS A 3 5.88 17.68 19.46
CA HIS A 3 4.61 17.34 18.77
C HIS A 3 4.55 15.86 18.42
N SER A 4 3.34 15.37 18.19
CA SER A 4 3.11 13.94 17.97
C SER A 4 2.04 13.73 16.91
N MET A 5 2.12 12.63 16.17
CA MET A 5 1.00 12.25 15.28
C MET A 5 0.61 10.85 15.68
N ARG A 6 -0.68 10.59 15.81
CA ARG A 6 -1.16 9.29 16.31
C ARG A 6 -2.36 8.83 15.46
N TYR A 7 -2.35 7.56 15.05
CA TYR A 7 -3.50 6.97 14.44
C TYR A 7 -4.12 5.91 15.34
N PHE A 8 -5.44 5.92 15.45
CA PHE A 8 -6.16 4.99 16.31
C PHE A 8 -7.11 4.12 15.50
N TYR A 9 -6.91 2.80 15.50
CA TYR A 9 -7.84 1.91 14.81
C TYR A 9 -8.58 1.03 15.78
N THR A 10 -9.89 0.93 15.56
CA THR A 10 -10.72 0.02 16.31
C THR A 10 -11.55 -0.82 15.34
N SER A 11 -11.46 -2.16 15.45
CA SER A 11 -12.40 -3.08 14.78
C SER A 11 -13.17 -3.94 15.75
N VAL A 12 -14.47 -4.01 15.50
CA VAL A 12 -15.39 -4.68 16.39
C VAL A 12 -16.17 -5.74 15.63
N SER A 13 -16.06 -7.00 16.04
CA SER A 13 -16.85 -8.07 15.40
C SER A 13 -18.26 -8.02 15.89
N ARG A 14 -19.21 -8.25 14.99
CA ARG A 14 -20.63 -8.10 15.29
C ARG A 14 -21.33 -9.37 14.90
N PRO A 15 -21.42 -10.33 15.83
CA PRO A 15 -22.01 -11.64 15.59
C PRO A 15 -23.46 -11.51 15.15
N GLY A 16 -23.78 -12.19 14.05
CA GLY A 16 -25.12 -12.15 13.52
C GLY A 16 -25.55 -10.84 12.86
N ARG A 17 -24.73 -9.79 12.96
N ARG A 17 -24.70 -9.82 12.91
CA ARG A 17 -25.09 -8.45 12.44
CA ARG A 17 -25.07 -8.49 12.45
C ARG A 17 -24.17 -8.01 11.31
C ARG A 17 -24.15 -8.01 11.32
N GLY A 18 -23.74 -8.97 10.47
CA GLY A 18 -22.92 -8.67 9.29
C GLY A 18 -21.46 -8.45 9.61
N GLU A 19 -20.75 -7.74 8.73
CA GLU A 19 -19.30 -7.55 8.84
C GLU A 19 -18.85 -6.68 10.05
N PRO A 20 -17.59 -6.77 10.47
CA PRO A 20 -17.07 -5.94 11.55
C PRO A 20 -17.13 -4.41 11.30
N ARG A 21 -17.30 -3.65 12.38
CA ARG A 21 -17.23 -2.19 12.32
C ARG A 21 -15.76 -1.85 12.36
N PHE A 22 -15.34 -0.95 11.49
CA PHE A 22 -14.00 -0.44 11.51
C PHE A 22 -13.96 1.08 11.54
N ILE A 23 -13.36 1.62 12.61
CA ILE A 23 -13.21 3.09 12.78
C ILE A 23 -11.77 3.51 12.98
N ALA A 24 -11.31 4.44 12.15
CA ALA A 24 -9.97 4.98 12.25
C ALA A 24 -10.04 6.46 12.47
N VAL A 25 -9.23 6.96 13.41
CA VAL A 25 -9.05 8.42 13.60
C VAL A 25 -7.57 8.78 13.73
N GLY A 26 -7.23 10.00 13.28
CA GLY A 26 -5.86 10.47 13.28
C GLY A 26 -5.74 11.75 14.05
N TYR A 27 -4.70 11.88 14.84
CA TYR A 27 -4.46 13.11 15.60
C TYR A 27 -3.10 13.71 15.29
N VAL A 28 -3.03 15.03 15.39
CA VAL A 28 -1.78 15.73 15.63
C VAL A 28 -1.98 16.37 16.98
N ASP A 29 -1.13 16.04 17.93
CA ASP A 29 -1.30 16.47 19.30
C ASP A 29 -2.74 16.16 19.76
N ASP A 30 -3.41 17.10 20.41
CA ASP A 30 -4.75 16.90 20.91
C ASP A 30 -5.85 17.20 19.86
N THR A 31 -5.48 17.46 18.63
CA THR A 31 -6.42 17.87 17.59
C THR A 31 -6.71 16.72 16.60
N GLN A 32 -7.97 16.43 16.37
CA GLN A 32 -8.31 15.37 15.45
C GLN A 32 -8.28 15.92 14.00
N PHE A 33 -7.86 15.11 13.03
CA PHE A 33 -7.85 15.62 11.67
C PHE A 33 -8.43 14.75 10.55
N VAL A 34 -8.53 13.44 10.78
CA VAL A 34 -9.22 12.57 9.82
C VAL A 34 -9.97 11.44 10.52
N ARG A 35 -10.88 10.80 9.80
CA ARG A 35 -11.45 9.56 10.21
C ARG A 35 -11.83 8.73 9.04
N PHE A 36 -12.00 7.43 9.31
CA PHE A 36 -12.64 6.54 8.39
C PHE A 36 -13.59 5.67 9.15
N ASP A 37 -14.83 5.56 8.69
CA ASP A 37 -15.87 4.77 9.36
C ASP A 37 -16.50 3.76 8.39
N SER A 38 -16.19 2.47 8.58
CA SER A 38 -16.66 1.42 7.65
C SER A 38 -18.17 1.38 7.51
N ASP A 39 -18.92 1.92 8.46
CA ASP A 39 -20.35 2.01 8.31
C ASP A 39 -20.81 3.15 7.43
N ALA A 40 -20.08 4.27 7.36
CA ALA A 40 -20.64 5.48 6.75
C ALA A 40 -20.85 5.26 5.28
N ALA A 41 -21.67 6.10 4.66
CA ALA A 41 -22.00 5.96 3.22
C ALA A 41 -20.81 6.23 2.29
N SER A 42 -20.00 7.24 2.63
CA SER A 42 -18.98 7.69 1.68
C SER A 42 -17.94 6.66 1.39
N GLN A 43 -17.50 5.91 2.39
CA GLN A 43 -16.41 4.95 2.21
C GLN A 43 -15.08 5.62 1.84
N ARG A 44 -14.86 6.83 2.34
CA ARG A 44 -13.61 7.56 2.12
C ARG A 44 -13.01 7.90 3.47
N MET A 45 -11.70 8.08 3.52
CA MET A 45 -11.09 8.87 4.57
C MET A 45 -11.48 10.32 4.42
N GLU A 46 -11.84 10.96 5.53
CA GLU A 46 -12.54 12.26 5.49
C GLU A 46 -11.86 13.28 6.35
N PRO A 47 -11.93 14.56 5.94
CA PRO A 47 -11.26 15.59 6.70
C PRO A 47 -11.95 15.81 8.01
N ARG A 48 -11.21 16.19 9.05
CA ARG A 48 -11.82 16.57 10.31
C ARG A 48 -11.22 17.79 10.94
N ALA A 49 -10.29 18.45 10.28
CA ALA A 49 -9.84 19.76 10.71
C ALA A 49 -9.65 20.53 9.41
N PRO A 50 -9.89 21.86 9.41
CA PRO A 50 -9.77 22.66 8.17
C PRO A 50 -8.40 22.57 7.48
N TRP A 51 -7.31 22.51 8.24
CA TRP A 51 -5.98 22.55 7.60
C TRP A 51 -5.61 21.31 6.76
N ILE A 52 -6.37 20.25 6.88
CA ILE A 52 -6.09 19.05 6.12
C ILE A 52 -6.91 19.07 4.82
N GLU A 53 -7.93 19.93 4.76
CA GLU A 53 -8.82 19.96 3.57
C GLU A 53 -8.07 20.43 2.30
N GLN A 54 -7.06 21.29 2.48
CA GLN A 54 -6.26 21.71 1.33
C GLN A 54 -5.44 20.57 0.64
N GLU A 55 -5.39 19.37 1.20
CA GLU A 55 -4.73 18.28 0.49
C GLU A 55 -5.60 17.93 -0.69
N GLY A 56 -4.98 17.68 -1.83
CA GLY A 56 -5.73 17.38 -3.03
C GLY A 56 -6.37 15.99 -3.01
N PRO A 57 -7.12 15.67 -4.07
CA PRO A 57 -7.77 14.37 -4.30
C PRO A 57 -6.83 13.17 -4.17
N GLU A 58 -5.57 13.35 -4.54
CA GLU A 58 -4.62 12.26 -4.58
C GLU A 58 -4.35 11.71 -3.17
N TYR A 59 -4.19 12.60 -2.20
CA TYR A 59 -4.05 12.28 -0.79
C TYR A 59 -5.26 11.44 -0.33
N TRP A 60 -6.47 11.94 -0.63
CA TRP A 60 -7.70 11.27 -0.16
C TRP A 60 -7.85 9.91 -0.78
N ASP A 61 -7.37 9.74 -2.01
CA ASP A 61 -7.32 8.41 -2.67
C ASP A 61 -6.35 7.49 -1.94
N GLN A 62 -5.11 7.93 -1.77
CA GLN A 62 -4.10 7.10 -1.10
C GLN A 62 -4.59 6.70 0.31
N GLU A 63 -5.02 7.65 1.12
CA GLU A 63 -5.43 7.35 2.52
C GLU A 63 -6.62 6.38 2.53
N THR A 64 -7.55 6.58 1.61
CA THR A 64 -8.72 5.77 1.59
C THR A 64 -8.33 4.35 1.18
N ARG A 65 -7.45 4.21 0.20
CA ARG A 65 -7.04 2.88 -0.22
C ARG A 65 -6.23 2.15 0.85
N ASN A 66 -5.28 2.86 1.44
CA ASN A 66 -4.48 2.31 2.52
C ASN A 66 -5.27 1.89 3.74
N VAL A 67 -6.24 2.72 4.14
CA VAL A 67 -7.05 2.41 5.30
C VAL A 67 -8.00 1.27 5.01
N LYS A 68 -8.49 1.15 3.79
CA LYS A 68 -9.33 0.00 3.45
C LYS A 68 -8.59 -1.33 3.55
N ALA A 69 -7.38 -1.34 3.02
CA ALA A 69 -6.49 -2.49 3.13
C ALA A 69 -6.35 -2.86 4.61
N GLN A 70 -6.01 -1.90 5.46
CA GLN A 70 -5.97 -2.15 6.92
C GLN A 70 -7.25 -2.77 7.54
N SER A 71 -8.42 -2.30 7.17
CA SER A 71 -9.62 -2.83 7.78
C SER A 71 -9.81 -4.26 7.37
N GLN A 72 -9.34 -4.60 6.16
CA GLN A 72 -9.44 -5.98 5.69
C GLN A 72 -8.57 -6.93 6.52
N THR A 73 -7.28 -6.65 6.61
CA THR A 73 -6.38 -7.33 7.54
C THR A 73 -6.92 -7.42 8.98
N ASP A 74 -7.50 -6.33 9.49
CA ASP A 74 -8.11 -6.39 10.83
C ASP A 74 -9.32 -7.28 10.84
N ARG A 75 -10.12 -7.30 9.79
CA ARG A 75 -11.29 -8.19 9.79
C ARG A 75 -10.86 -9.66 9.90
N VAL A 76 -9.83 -10.01 9.15
CA VAL A 76 -9.39 -11.38 9.10
C VAL A 76 -8.72 -11.78 10.37
N ASP A 77 -7.98 -10.86 10.99
CA ASP A 77 -7.29 -11.13 12.27
C ASP A 77 -8.28 -11.41 13.44
N LEU A 78 -9.44 -10.78 13.41
CA LEU A 78 -10.50 -11.14 14.32
C LEU A 78 -10.79 -12.62 14.30
N GLY A 79 -10.83 -13.24 13.10
CA GLY A 79 -11.16 -14.69 12.99
C GLY A 79 -10.04 -15.55 13.57
N THR A 80 -8.81 -15.17 13.27
CA THR A 80 -7.65 -15.90 13.74
C THR A 80 -7.58 -15.85 15.26
N LEU A 81 -7.84 -14.67 15.83
CA LEU A 81 -7.73 -14.51 17.29
C LEU A 81 -8.84 -15.23 18.00
N ARG A 82 -10.02 -15.16 17.44
CA ARG A 82 -11.09 -15.96 17.95
C ARG A 82 -10.60 -17.40 18.17
N GLY A 83 -9.95 -17.95 17.13
CA GLY A 83 -9.39 -19.29 17.14
C GLY A 83 -8.35 -19.43 18.20
N TYR A 84 -7.41 -18.48 18.26
CA TYR A 84 -6.37 -18.55 19.29
C TYR A 84 -6.98 -18.72 20.67
N TYR A 85 -8.07 -17.98 20.94
CA TYR A 85 -8.63 -17.95 22.29
C TYR A 85 -9.78 -18.93 22.49
N ASN A 86 -10.05 -19.76 21.50
CA ASN A 86 -11.17 -20.72 21.55
C ASN A 86 -12.49 -20.06 21.84
N GLN A 87 -12.73 -18.92 21.21
CA GLN A 87 -14.00 -18.18 21.35
C GLN A 87 -14.94 -18.61 20.26
N SER A 88 -16.13 -18.01 20.15
CA SER A 88 -17.03 -18.34 19.01
C SER A 88 -17.42 -17.17 18.15
N GLU A 89 -18.09 -17.53 17.05
CA GLU A 89 -18.71 -16.64 16.07
C GLU A 89 -19.71 -15.75 16.72
N ASP A 90 -20.33 -16.29 17.75
CA ASP A 90 -21.47 -15.64 18.38
C ASP A 90 -21.00 -14.51 19.27
N GLY A 91 -19.72 -14.54 19.66
CA GLY A 91 -19.15 -13.54 20.55
C GLY A 91 -18.63 -12.35 19.78
N SER A 92 -18.81 -11.18 20.35
CA SER A 92 -18.25 -9.91 19.83
C SER A 92 -16.83 -9.66 20.37
N HIS A 93 -15.85 -9.36 19.52
CA HIS A 93 -14.50 -9.03 20.02
C HIS A 93 -13.95 -7.77 19.38
N THR A 94 -12.87 -7.24 19.93
CA THR A 94 -12.36 -5.93 19.55
C THR A 94 -10.85 -5.98 19.38
N ILE A 95 -10.42 -5.43 18.26
CA ILE A 95 -9.02 -5.25 18.01
C ILE A 95 -8.75 -3.79 17.90
N GLN A 96 -7.78 -3.37 18.72
CA GLN A 96 -7.38 -2.00 18.76
C GLN A 96 -5.95 -1.88 18.39
N ILE A 97 -5.66 -0.81 17.66
CA ILE A 97 -4.31 -0.49 17.18
C ILE A 97 -4.08 1.00 17.31
N MET A 98 -2.94 1.31 17.90
CA MET A 98 -2.47 2.69 18.00
CA MET A 98 -2.45 2.65 18.19
C MET A 98 -1.01 2.74 17.60
N TYR A 99 -0.70 3.67 16.70
CA TYR A 99 0.70 3.93 16.34
C TYR A 99 0.95 5.40 16.07
N GLY A 100 2.21 5.78 16.07
CA GLY A 100 2.54 7.17 15.82
C GLY A 100 3.96 7.52 16.13
N CYS A 101 4.27 8.79 15.92
CA CYS A 101 5.60 9.29 16.18
C CYS A 101 5.61 10.67 16.82
N ASP A 102 6.71 10.96 17.53
CA ASP A 102 6.96 12.25 18.19
C ASP A 102 8.16 12.93 17.58
N VAL A 103 8.09 14.24 17.46
CA VAL A 103 9.23 15.02 17.02
C VAL A 103 9.45 16.13 18.02
N GLY A 104 10.70 16.58 18.12
CA GLY A 104 11.03 17.76 18.92
C GLY A 104 10.66 19.02 18.16
N PRO A 105 10.84 20.18 18.79
CA PRO A 105 10.63 21.53 18.20
C PRO A 105 11.25 21.75 16.82
N ASP A 106 12.38 21.09 16.60
CA ASP A 106 13.13 21.17 15.34
C ASP A 106 12.69 20.17 14.25
N GLY A 107 11.57 19.48 14.46
CA GLY A 107 11.06 18.50 13.48
C GLY A 107 11.72 17.13 13.54
N ARG A 108 12.58 16.93 14.51
CA ARG A 108 13.37 15.76 14.50
C ARG A 108 12.75 14.58 15.27
N PHE A 109 12.92 13.42 14.71
CA PHE A 109 12.34 12.22 15.25
C PHE A 109 12.88 12.02 16.65
N LEU A 110 11.98 11.86 17.63
CA LEU A 110 12.32 11.42 19.00
C LEU A 110 11.90 9.98 19.32
N ARG A 111 10.77 9.52 18.79
CA ARG A 111 10.18 8.29 19.28
C ARG A 111 9.07 7.85 18.36
N GLY A 112 8.88 6.54 18.29
CA GLY A 112 7.78 5.95 17.55
C GLY A 112 7.20 4.86 18.37
N TYR A 113 5.99 4.44 18.00
CA TYR A 113 5.22 3.58 18.84
C TYR A 113 4.34 2.81 17.91
N ARG A 114 4.06 1.57 18.25
CA ARG A 114 3.00 0.85 17.64
C ARG A 114 2.59 -0.29 18.58
N GLN A 115 1.32 -0.38 18.90
CA GLN A 115 0.85 -1.38 19.81
C GLN A 115 -0.63 -1.72 19.60
N ASP A 116 -0.96 -2.95 20.00
CA ASP A 116 -2.19 -3.60 19.60
C ASP A 116 -2.81 -4.27 20.81
N ALA A 117 -4.13 -4.28 20.84
CA ALA A 117 -4.90 -4.90 21.90
C ALA A 117 -5.96 -5.79 21.33
N TYR A 118 -6.35 -6.76 22.13
CA TYR A 118 -7.50 -7.59 21.83
C TYR A 118 -8.36 -7.54 23.05
N ASP A 119 -9.66 -7.39 22.87
CA ASP A 119 -10.61 -7.22 24.00
C ASP A 119 -10.11 -6.33 25.14
N GLY A 120 -9.47 -5.22 24.76
CA GLY A 120 -9.09 -4.15 25.67
C GLY A 120 -7.88 -4.45 26.54
N LYS A 121 -7.21 -5.56 26.28
CA LYS A 121 -5.96 -5.89 26.95
C LYS A 121 -4.83 -5.92 25.93
N ASP A 122 -3.62 -5.64 26.39
CA ASP A 122 -2.43 -5.68 25.59
C ASP A 122 -2.35 -7.02 24.87
N TYR A 123 -1.94 -6.99 23.61
CA TYR A 123 -1.75 -8.19 22.85
C TYR A 123 -0.32 -8.21 22.38
N ILE A 124 0.06 -7.26 21.52
CA ILE A 124 1.47 -7.17 21.10
C ILE A 124 1.85 -5.71 20.90
N ALA A 125 3.13 -5.43 21.14
CA ALA A 125 3.61 -4.08 21.10
C ALA A 125 4.98 -4.07 20.42
N LEU A 126 5.29 -3.00 19.70
CA LEU A 126 6.63 -2.80 19.18
C LEU A 126 7.38 -2.16 20.33
N ASN A 127 8.60 -2.61 20.57
CA ASN A 127 9.42 -1.99 21.62
C ASN A 127 10.03 -0.73 21.15
N GLU A 128 10.49 0.04 22.11
CA GLU A 128 11.22 1.28 21.88
C GLU A 128 12.29 1.17 20.80
N ASP A 129 13.04 0.08 20.74
CA ASP A 129 14.07 -0.05 19.68
C ASP A 129 13.51 -0.13 18.25
N LEU A 130 12.21 -0.42 18.13
CA LEU A 130 11.51 -0.51 16.85
C LEU A 130 12.01 -1.69 16.02
N ARG A 131 12.54 -2.69 16.73
CA ARG A 131 13.18 -3.84 16.09
C ARG A 131 12.73 -5.13 16.67
N SER A 132 12.00 -5.07 17.76
CA SER A 132 11.50 -6.29 18.35
C SER A 132 10.16 -6.02 19.00
N TRP A 133 9.50 -7.10 19.41
CA TRP A 133 8.13 -7.11 19.87
C TRP A 133 8.02 -7.77 21.24
N THR A 134 7.10 -7.25 22.05
CA THR A 134 6.72 -7.83 23.31
C THR A 134 5.27 -8.37 23.18
N ALA A 135 5.13 -9.69 23.40
CA ALA A 135 3.85 -10.41 23.34
C ALA A 135 3.30 -10.60 24.74
N ALA A 136 2.05 -10.25 24.95
CA ALA A 136 1.49 -10.19 26.31
C ALA A 136 0.96 -11.52 26.79
N ASP A 137 0.82 -12.50 25.91
CA ASP A 137 0.30 -13.81 26.29
C ASP A 137 0.70 -14.90 25.28
N MET A 138 0.20 -16.11 25.45
CA MET A 138 0.66 -17.20 24.61
C MET A 138 0.25 -16.98 23.20
N ALA A 139 -1.00 -16.55 23.03
CA ALA A 139 -1.54 -16.34 21.72
C ALA A 139 -0.76 -15.32 20.96
N ALA A 140 -0.40 -14.22 21.62
CA ALA A 140 0.32 -13.16 20.91
C ALA A 140 1.71 -13.64 20.53
N GLN A 141 2.19 -14.65 21.24
CA GLN A 141 3.51 -15.19 20.98
C GLN A 141 3.50 -15.87 19.62
N ILE A 142 2.36 -16.42 19.24
CA ILE A 142 2.23 -16.92 17.89
C ILE A 142 2.36 -15.78 16.86
N THR A 143 1.59 -14.71 17.06
CA THR A 143 1.66 -13.54 16.18
C THR A 143 3.12 -13.03 16.10
N LYS A 144 3.82 -13.07 17.22
CA LYS A 144 5.17 -12.52 17.30
C LYS A 144 6.13 -13.31 16.42
N ARG A 145 6.03 -14.64 16.47
CA ARG A 145 6.82 -15.49 15.57
C ARG A 145 6.61 -15.16 14.08
N LYS A 146 5.35 -14.96 13.68
CA LYS A 146 5.04 -14.60 12.30
C LYS A 146 5.63 -13.25 11.93
N TRP A 147 5.50 -12.29 12.83
CA TRP A 147 5.92 -10.95 12.52
C TRP A 147 7.41 -10.86 12.43
N GLU A 148 8.10 -11.69 13.21
CA GLU A 148 9.59 -11.79 13.14
C GLU A 148 10.01 -12.41 11.82
N ALA A 149 9.38 -13.54 11.47
CA ALA A 149 9.68 -14.18 10.19
C ALA A 149 9.37 -13.28 8.99
N ALA A 150 8.34 -12.45 9.09
CA ALA A 150 8.01 -11.50 8.01
C ALA A 150 8.89 -10.23 8.03
N HIS A 151 9.69 -10.03 9.08
CA HIS A 151 10.44 -8.79 9.27
C HIS A 151 9.45 -7.60 9.23
N ALA A 152 8.33 -7.75 9.95
CA ALA A 152 7.36 -6.65 10.08
C ALA A 152 7.96 -5.44 10.77
N ALA A 153 8.72 -5.61 11.84
CA ALA A 153 9.31 -4.47 12.52
C ALA A 153 10.01 -3.52 11.57
N GLU A 154 10.74 -4.06 10.61
CA GLU A 154 11.52 -3.25 9.67
C GLU A 154 10.62 -2.25 8.91
N GLN A 155 9.43 -2.70 8.50
CA GLN A 155 8.53 -1.84 7.77
CA GLN A 155 8.43 -1.85 7.79
C GLN A 155 7.87 -0.80 8.70
N GLN A 156 7.56 -1.18 9.94
CA GLN A 156 7.05 -0.21 10.92
C GLN A 156 8.11 0.86 11.16
N ARG A 157 9.35 0.43 11.40
CA ARG A 157 10.41 1.36 11.74
C ARG A 157 10.64 2.36 10.60
N ALA A 158 10.50 1.92 9.36
CA ALA A 158 10.81 2.80 8.24
C ALA A 158 9.75 3.90 8.11
N TYR A 159 8.49 3.50 8.28
CA TYR A 159 7.37 4.46 8.28
C TYR A 159 7.45 5.40 9.50
N LEU A 160 7.67 4.85 10.68
CA LEU A 160 7.78 5.70 11.88
C LEU A 160 8.93 6.70 11.87
N GLU A 161 10.04 6.39 11.22
CA GLU A 161 11.20 7.32 11.19
C GLU A 161 11.19 8.16 9.90
N GLY A 162 10.33 7.80 8.96
CA GLY A 162 10.34 8.38 7.63
C GLY A 162 9.00 9.08 7.49
N ARG A 163 8.09 8.45 6.78
CA ARG A 163 6.85 9.08 6.40
C ARG A 163 6.05 9.66 7.55
N CYS A 164 6.05 8.98 8.68
CA CYS A 164 5.36 9.51 9.85
C CYS A 164 5.89 10.90 10.16
N VAL A 165 7.21 10.99 10.35
CA VAL A 165 7.84 12.23 10.71
C VAL A 165 7.58 13.26 9.62
N GLU A 166 7.62 12.81 8.36
CA GLU A 166 7.56 13.74 7.23
C GLU A 166 6.19 14.38 7.14
N TRP A 167 5.13 13.60 7.32
CA TRP A 167 3.79 14.17 7.20
C TRP A 167 3.45 14.99 8.45
N LEU A 168 3.88 14.52 9.63
CA LEU A 168 3.73 15.33 10.85
C LEU A 168 4.30 16.73 10.63
N ARG A 169 5.48 16.82 10.03
CA ARG A 169 6.04 18.14 9.74
C ARG A 169 5.18 18.96 8.77
N ARG A 170 4.72 18.34 7.69
CA ARG A 170 3.86 19.05 6.75
C ARG A 170 2.68 19.65 7.51
N TYR A 171 2.02 18.81 8.30
CA TYR A 171 0.76 19.19 8.89
C TYR A 171 1.03 20.31 9.85
N LEU A 172 2.13 20.26 10.57
CA LEU A 172 2.47 21.33 11.50
C LEU A 172 2.71 22.71 10.79
N GLU A 173 3.24 22.71 9.57
CA GLU A 173 3.32 23.96 8.81
C GLU A 173 1.90 24.36 8.40
N ASN A 174 1.23 23.52 7.58
CA ASN A 174 -0.07 23.88 7.03
C ASN A 174 -1.03 24.38 8.07
N GLY A 175 -1.06 23.74 9.22
CA GLY A 175 -2.04 24.06 10.23
C GLY A 175 -1.44 24.83 11.36
N LYS A 176 -0.38 25.58 11.08
CA LYS A 176 0.37 26.20 12.17
C LYS A 176 -0.41 27.24 12.98
N GLU A 177 -1.46 27.80 12.38
CA GLU A 177 -2.25 28.81 13.08
C GLU A 177 -2.95 28.16 14.24
N THR A 178 -3.52 26.98 14.02
CA THR A 178 -4.24 26.29 15.09
C THR A 178 -3.33 25.34 15.89
N LEU A 179 -2.54 24.54 15.21
CA LEU A 179 -1.70 23.55 15.90
C LEU A 179 -0.60 24.11 16.76
N GLN A 180 0.02 25.20 16.33
CA GLN A 180 1.14 25.77 17.10
C GLN A 180 0.69 26.85 18.13
N ARG A 181 -0.56 27.29 18.12
CA ARG A 181 -1.06 28.21 19.17
C ARG A 181 -0.95 27.58 20.57
N THR A 182 -0.95 28.44 21.59
CA THR A 182 -1.22 28.00 22.98
C THR A 182 -2.30 28.92 23.57
N ASP A 183 -3.46 28.35 23.87
CA ASP A 183 -4.53 29.10 24.48
C ASP A 183 -4.49 28.85 25.98
N PRO A 184 -4.13 29.91 26.74
CA PRO A 184 -4.10 29.80 28.20
C PRO A 184 -5.52 29.65 28.73
N PRO A 185 -5.67 28.97 29.86
CA PRO A 185 -6.98 28.69 30.35
C PRO A 185 -7.59 29.94 31.03
N LYS A 186 -8.85 30.27 30.73
CA LYS A 186 -9.56 31.27 31.48
C LYS A 186 -9.93 30.56 32.77
N THR A 187 -9.73 31.26 33.89
CA THR A 187 -9.91 30.68 35.18
C THR A 187 -10.82 31.49 36.04
N HIS A 188 -11.44 30.80 36.98
CA HIS A 188 -12.20 31.42 38.02
C HIS A 188 -12.50 30.42 39.15
N MET A 189 -13.03 30.94 40.26
CA MET A 189 -13.38 30.14 41.41
C MET A 189 -14.82 30.41 41.78
N THR A 190 -15.47 29.39 42.31
CA THR A 190 -16.82 29.47 42.80
C THR A 190 -16.82 29.02 44.24
N HIS A 191 -17.90 29.31 44.95
CA HIS A 191 -18.01 29.04 46.38
C HIS A 191 -19.44 28.65 46.60
N HIS A 192 -19.69 27.50 47.23
CA HIS A 192 -21.08 27.08 47.54
C HIS A 192 -21.19 26.42 48.91
N PRO A 193 -21.90 27.06 49.87
CA PRO A 193 -21.90 26.44 51.21
C PRO A 193 -22.62 25.09 51.18
N ILE A 194 -22.25 24.24 52.10
CA ILE A 194 -22.71 22.85 52.21
C ILE A 194 -23.51 22.67 53.50
N SER A 195 -23.12 23.40 54.52
CA SER A 195 -23.75 23.41 55.84
C SER A 195 -23.54 24.85 56.37
N ASP A 196 -23.72 25.07 57.68
CA ASP A 196 -23.41 26.37 58.29
C ASP A 196 -21.91 26.52 58.40
N HIS A 197 -21.25 25.39 58.68
CA HIS A 197 -19.81 25.35 58.94
C HIS A 197 -19.10 24.43 57.94
N GLU A 198 -19.29 24.67 56.65
CA GLU A 198 -18.60 23.92 55.57
C GLU A 198 -19.02 24.41 54.17
N ALA A 199 -18.07 24.48 53.24
CA ALA A 199 -18.30 25.03 51.90
C ALA A 199 -17.35 24.44 50.83
N THR A 200 -17.85 24.28 49.62
CA THR A 200 -17.02 23.80 48.50
C THR A 200 -16.38 24.96 47.78
N LEU A 201 -15.10 24.85 47.48
CA LEU A 201 -14.40 25.78 46.62
C LEU A 201 -14.01 25.02 45.35
N ARG A 202 -14.46 25.50 44.21
CA ARG A 202 -14.13 24.89 42.93
C ARG A 202 -13.36 25.87 42.02
N CYS A 203 -12.23 25.41 41.51
CA CYS A 203 -11.32 26.17 40.68
C CYS A 203 -11.39 25.61 39.23
N TRP A 204 -11.64 26.51 38.28
CA TRP A 204 -11.98 26.15 36.93
C TRP A 204 -10.89 26.55 35.97
N ALA A 205 -10.65 25.72 34.98
CA ALA A 205 -9.89 26.14 33.83
C ALA A 205 -10.70 25.80 32.60
N LEU A 206 -10.85 26.77 31.73
CA LEU A 206 -11.68 26.66 30.54
C LEU A 206 -10.96 27.24 29.36
N GLY A 207 -11.33 26.80 28.16
CA GLY A 207 -10.91 27.43 26.90
C GLY A 207 -9.46 27.26 26.53
N PHE A 208 -8.81 26.22 27.07
CA PHE A 208 -7.35 26.04 26.90
C PHE A 208 -6.94 24.94 25.94
N TYR A 209 -5.82 25.19 25.27
CA TYR A 209 -5.19 24.24 24.37
C TYR A 209 -3.70 24.48 24.52
N PRO A 210 -2.89 23.42 24.65
CA PRO A 210 -3.29 22.00 24.63
C PRO A 210 -3.92 21.52 25.89
N ALA A 211 -4.26 20.24 25.89
CA ALA A 211 -5.04 19.64 26.97
C ALA A 211 -4.30 19.53 28.29
N GLU A 212 -3.01 19.25 28.20
CA GLU A 212 -2.13 19.08 29.39
C GLU A 212 -2.30 20.28 30.33
N ILE A 213 -2.56 20.00 31.59
CA ILE A 213 -2.72 21.05 32.57
C ILE A 213 -2.57 20.50 33.95
N THR A 214 -2.28 21.38 34.89
CA THR A 214 -2.18 21.00 36.31
C THR A 214 -2.96 22.03 37.20
N LEU A 215 -3.83 21.51 38.04
CA LEU A 215 -4.56 22.30 38.98
C LEU A 215 -4.25 21.69 40.31
N THR A 216 -3.84 22.48 41.27
CA THR A 216 -3.51 21.98 42.57
C THR A 216 -4.06 22.89 43.64
N TRP A 217 -4.55 22.30 44.71
CA TRP A 217 -4.99 23.06 45.86
C TRP A 217 -3.95 23.02 46.92
N GLN A 218 -3.88 24.08 47.72
CA GLN A 218 -3.04 24.11 48.93
C GLN A 218 -3.74 24.80 50.07
N ARG A 219 -3.57 24.25 51.27
CA ARG A 219 -3.87 24.95 52.50
C ARG A 219 -2.57 25.54 53.06
N ASP A 220 -2.54 26.86 53.25
CA ASP A 220 -1.37 27.60 53.80
C ASP A 220 -0.07 27.49 53.00
N GLY A 221 -0.12 26.91 51.80
CA GLY A 221 1.08 26.59 51.06
C GLY A 221 1.37 25.09 51.05
N GLU A 222 0.60 24.31 51.80
CA GLU A 222 0.76 22.84 51.84
C GLU A 222 -0.21 22.06 50.92
N ASP A 223 0.36 21.33 49.97
CA ASP A 223 -0.42 20.54 49.00
C ASP A 223 -1.54 19.79 49.65
N GLN A 224 -2.65 19.65 48.95
CA GLN A 224 -3.86 19.16 49.56
C GLN A 224 -4.46 17.99 48.80
N THR A 225 -3.62 17.26 48.06
CA THR A 225 -4.10 16.30 47.07
C THR A 225 -4.73 15.04 47.71
N GLN A 226 -5.69 15.27 48.60
N GLN A 226 -5.63 15.24 48.68
CA GLN A 226 -6.21 14.22 49.46
CA GLN A 226 -6.26 14.12 49.39
C GLN A 226 -7.70 14.40 49.75
C GLN A 226 -7.74 14.38 49.71
N ASP A 227 -8.08 15.62 50.09
CA ASP A 227 -9.49 15.97 50.39
C ASP A 227 -10.10 16.76 49.20
N THR A 228 -9.65 16.41 48.00
N THR A 228 -9.65 16.39 48.00
CA THR A 228 -10.02 17.08 46.78
CA THR A 228 -10.00 17.07 46.77
C THR A 228 -11.05 16.27 45.97
C THR A 228 -11.03 16.25 45.96
N GLU A 229 -11.40 16.82 44.82
CA GLU A 229 -12.13 16.09 43.79
C GLU A 229 -11.62 16.71 42.51
N LEU A 230 -11.12 15.85 41.63
CA LEU A 230 -10.38 16.30 40.47
C LEU A 230 -10.92 15.61 39.23
N VAL A 231 -11.76 16.29 38.45
CA VAL A 231 -12.26 15.68 37.22
C VAL A 231 -11.23 15.47 36.11
N GLU A 232 -11.47 14.43 35.34
CA GLU A 232 -10.78 14.17 34.09
C GLU A 232 -10.92 15.42 33.19
N THR A 233 -9.82 15.87 32.64
CA THR A 233 -9.83 16.87 31.57
C THR A 233 -10.73 16.50 30.39
N ARG A 234 -11.57 17.43 29.95
CA ARG A 234 -12.65 17.08 29.04
C ARG A 234 -12.74 18.10 27.92
N PRO A 235 -13.22 17.67 26.74
CA PRO A 235 -13.25 18.59 25.60
C PRO A 235 -14.49 19.55 25.57
N ALA A 236 -14.22 20.82 25.32
CA ALA A 236 -15.26 21.80 25.15
C ALA A 236 -16.17 21.49 23.93
N GLY A 237 -15.64 20.82 22.93
CA GLY A 237 -16.42 20.49 21.76
C GLY A 237 -16.07 21.41 20.60
N ASP A 238 -15.18 22.39 20.83
CA ASP A 238 -14.74 23.37 19.83
C ASP A 238 -13.24 23.40 19.68
N GLY A 239 -12.56 22.34 20.02
CA GLY A 239 -11.10 22.29 19.95
C GLY A 239 -10.33 22.65 21.21
N THR A 240 -11.00 23.17 22.24
CA THR A 240 -10.36 23.44 23.54
C THR A 240 -10.84 22.47 24.63
N PHE A 241 -10.31 22.66 25.84
CA PHE A 241 -10.47 21.76 26.97
C PHE A 241 -10.84 22.48 28.24
N GLN A 242 -11.30 21.68 29.20
CA GLN A 242 -11.78 22.16 30.48
C GLN A 242 -11.36 21.17 31.55
N LYS A 243 -11.38 21.65 32.78
CA LYS A 243 -11.16 20.81 33.92
C LYS A 243 -11.48 21.63 35.15
N TRP A 244 -11.98 21.01 36.21
CA TRP A 244 -12.01 21.69 37.48
C TRP A 244 -11.51 20.82 38.68
N ALA A 245 -11.28 21.49 39.80
CA ALA A 245 -10.79 20.85 41.04
C ALA A 245 -11.45 21.50 42.25
N ALA A 246 -11.84 20.68 43.22
CA ALA A 246 -12.63 21.16 44.33
C ALA A 246 -12.13 20.63 45.66
N VAL A 247 -12.45 21.37 46.71
CA VAL A 247 -11.96 21.07 48.04
C VAL A 247 -13.04 21.60 48.95
N VAL A 248 -13.42 20.80 49.96
CA VAL A 248 -14.42 21.21 50.93
C VAL A 248 -13.68 21.90 52.04
N VAL A 249 -14.11 23.09 52.45
CA VAL A 249 -13.35 23.81 53.46
C VAL A 249 -14.17 24.14 54.66
N PRO A 250 -13.50 24.17 55.83
CA PRO A 250 -14.17 24.69 57.00
C PRO A 250 -14.62 26.11 56.67
N SER A 251 -15.91 26.37 56.85
CA SER A 251 -16.48 27.70 56.61
C SER A 251 -15.77 28.71 57.48
N GLY A 252 -15.42 29.87 56.91
CA GLY A 252 -14.56 30.81 57.60
C GLY A 252 -13.07 30.50 57.41
N GLU A 253 -12.71 29.37 56.82
CA GLU A 253 -11.30 29.13 56.50
C GLU A 253 -10.90 29.34 55.02
N GLU A 254 -11.71 30.08 54.27
CA GLU A 254 -11.60 30.17 52.82
C GLU A 254 -10.32 30.77 52.30
N GLN A 255 -9.83 31.83 52.95
CA GLN A 255 -8.59 32.50 52.50
C GLN A 255 -7.32 31.69 52.77
N ARG A 256 -7.47 30.61 53.52
CA ARG A 256 -6.36 29.68 53.71
C ARG A 256 -6.01 28.92 52.44
N TYR A 257 -6.99 28.74 51.57
CA TYR A 257 -6.79 27.91 50.38
C TYR A 257 -6.39 28.67 49.13
N THR A 258 -5.44 28.11 48.39
CA THR A 258 -5.06 28.65 47.11
C THR A 258 -5.18 27.54 46.08
N CYS A 259 -5.61 27.92 44.87
CA CYS A 259 -5.59 27.00 43.76
C CYS A 259 -4.52 27.43 42.77
N HIS A 260 -3.72 26.48 42.34
CA HIS A 260 -2.56 26.77 41.51
C HIS A 260 -2.77 26.15 40.14
N VAL A 261 -2.49 26.93 39.10
CA VAL A 261 -2.82 26.56 37.74
C VAL A 261 -1.61 26.63 36.81
N GLN A 262 -1.28 25.51 36.20
CA GLN A 262 -0.12 25.42 35.34
C GLN A 262 -0.49 24.96 33.97
N HIS A 263 -0.02 25.70 32.98
CA HIS A 263 -0.33 25.47 31.59
C HIS A 263 0.68 26.19 30.74
N GLU A 264 1.03 25.52 29.65
CA GLU A 264 2.01 25.98 28.67
C GLU A 264 1.73 27.37 28.07
N GLY A 265 0.46 27.75 27.98
CA GLY A 265 0.07 29.07 27.46
C GLY A 265 0.19 30.21 28.45
N LEU A 266 0.44 29.93 29.73
CA LEU A 266 0.48 31.00 30.75
C LEU A 266 1.85 31.62 30.81
N PRO A 267 1.95 32.95 30.92
CA PRO A 267 3.27 33.54 31.22
C PRO A 267 3.90 32.94 32.49
N LYS A 268 3.20 32.96 33.61
CA LYS A 268 3.62 32.30 34.86
C LYS A 268 2.43 31.54 35.39
N PRO A 269 2.68 30.48 36.18
CA PRO A 269 1.59 29.82 36.87
C PRO A 269 0.71 30.84 37.59
N LEU A 270 -0.55 30.49 37.81
CA LEU A 270 -1.49 31.38 38.46
C LEU A 270 -1.77 30.89 39.84
N THR A 271 -2.12 31.84 40.69
CA THR A 271 -2.61 31.53 42.01
C THR A 271 -3.97 32.19 42.22
N LEU A 272 -4.97 31.35 42.44
CA LEU A 272 -6.32 31.77 42.69
C LEU A 272 -6.70 31.60 44.16
N ARG A 273 -7.40 32.59 44.72
CA ARG A 273 -7.81 32.57 46.10
C ARG A 273 -9.25 33.08 46.19
N TRP A 274 -10.09 32.48 47.03
CA TRP A 274 -11.40 33.07 47.31
C TRP A 274 -11.22 34.33 48.13
N GLU A 275 -11.46 35.48 47.51
CA GLU A 275 -11.19 36.78 48.12
C GLU A 275 -12.38 37.68 47.91
N ILE B 1 -13.81 -8.96 30.53
CA ILE B 1 -12.97 -7.82 31.03
C ILE B 1 -13.44 -6.39 30.62
N GLN B 2 -14.34 -5.85 31.43
CA GLN B 2 -15.19 -4.77 31.05
C GLN B 2 -14.96 -3.60 31.94
N ARG B 3 -15.26 -2.44 31.43
CA ARG B 3 -14.94 -1.22 32.14
C ARG B 3 -16.04 -0.21 31.97
N THR B 4 -16.47 0.33 33.10
CA THR B 4 -17.66 1.12 33.16
C THR B 4 -17.38 2.59 32.86
N PRO B 5 -18.25 3.23 32.10
CA PRO B 5 -17.95 4.58 31.61
C PRO B 5 -18.02 5.63 32.69
N LYS B 6 -17.09 6.57 32.67
CA LYS B 6 -17.28 7.78 33.44
C LYS B 6 -18.09 8.73 32.56
N ILE B 7 -18.78 9.65 33.23
CA ILE B 7 -19.74 10.50 32.60
C ILE B 7 -19.68 11.90 33.15
N GLN B 8 -19.55 12.86 32.25
CA GLN B 8 -19.65 14.25 32.61
C GLN B 8 -20.58 15.00 31.66
N VAL B 9 -21.47 15.77 32.29
CA VAL B 9 -22.41 16.61 31.57
C VAL B 9 -22.10 18.03 31.84
N TYR B 10 -21.96 18.82 30.79
CA TYR B 10 -21.50 20.16 30.94
C TYR B 10 -21.81 20.97 29.69
N SER B 11 -21.49 22.27 29.73
CA SER B 11 -21.75 23.16 28.64
C SER B 11 -20.47 23.51 27.93
N ARG B 12 -20.58 23.87 26.68
CA ARG B 12 -19.42 24.25 25.93
C ARG B 12 -18.84 25.56 26.46
N HIS B 13 -19.70 26.55 26.66
CA HIS B 13 -19.31 27.87 27.13
C HIS B 13 -20.01 28.06 28.44
N PRO B 14 -19.56 29.02 29.24
CA PRO B 14 -20.31 29.28 30.48
C PRO B 14 -21.80 29.62 30.18
N ALA B 15 -22.70 29.20 31.04
CA ALA B 15 -24.12 29.34 30.79
C ALA B 15 -24.61 30.77 31.10
N GLU B 16 -25.20 31.40 30.10
CA GLU B 16 -25.95 32.62 30.27
C GLU B 16 -27.38 32.35 29.77
N ASN B 17 -28.35 32.41 30.69
CA ASN B 17 -29.75 32.21 30.35
C ASN B 17 -30.11 32.97 29.10
N GLY B 18 -30.81 32.31 28.18
CA GLY B 18 -31.20 32.97 26.93
C GLY B 18 -30.08 33.05 25.93
N LYS B 19 -28.90 32.60 26.28
CA LYS B 19 -27.79 32.59 25.33
C LYS B 19 -27.59 31.18 24.75
N SER B 20 -27.57 31.14 23.43
CA SER B 20 -27.30 29.94 22.66
C SER B 20 -25.92 29.27 23.00
N ASN B 21 -25.89 27.96 23.06
CA ASN B 21 -24.75 27.22 23.65
C ASN B 21 -24.85 25.78 23.20
N PHE B 22 -23.91 24.96 23.64
CA PHE B 22 -23.89 23.53 23.32
C PHE B 22 -23.83 22.72 24.59
N LEU B 23 -24.65 21.70 24.64
CA LEU B 23 -24.72 20.80 25.78
C LEU B 23 -23.91 19.58 25.40
N ASN B 24 -23.03 19.16 26.32
CA ASN B 24 -22.12 18.04 26.10
C ASN B 24 -22.39 16.95 27.12
N CYS B 25 -22.25 15.71 26.65
CA CYS B 25 -22.04 14.60 27.52
C CYS B 25 -20.80 13.88 27.04
N TYR B 26 -19.80 13.78 27.92
CA TYR B 26 -18.50 13.18 27.62
C TYR B 26 -18.46 11.85 28.39
N VAL B 27 -18.28 10.77 27.67
CA VAL B 27 -18.23 9.44 28.28
C VAL B 27 -16.87 8.91 27.95
N SER B 28 -16.26 8.23 28.92
CA SER B 28 -14.90 7.82 28.79
C SER B 28 -14.59 6.72 29.75
N GLY B 29 -13.42 6.12 29.54
CA GLY B 29 -12.94 5.07 30.44
C GLY B 29 -13.69 3.76 30.32
N PHE B 30 -14.43 3.56 29.22
CA PHE B 30 -15.27 2.37 29.06
C PHE B 30 -14.78 1.34 28.05
N HIS B 31 -15.24 0.09 28.23
CA HIS B 31 -14.93 -1.04 27.36
C HIS B 31 -16.01 -2.13 27.60
N PRO B 32 -16.59 -2.68 26.51
CA PRO B 32 -16.41 -2.42 25.07
C PRO B 32 -17.02 -1.12 24.56
N SER B 33 -16.95 -0.93 23.25
CA SER B 33 -17.18 0.38 22.61
C SER B 33 -18.64 0.73 22.40
N ASP B 34 -19.48 -0.27 22.47
CA ASP B 34 -20.90 -0.08 22.37
C ASP B 34 -21.49 0.64 23.61
N ILE B 35 -22.23 1.70 23.34
CA ILE B 35 -22.75 2.53 24.38
C ILE B 35 -23.92 3.33 23.85
N GLU B 36 -24.91 3.59 24.70
CA GLU B 36 -26.06 4.43 24.37
C GLU B 36 -26.02 5.68 25.22
N VAL B 37 -26.04 6.84 24.59
CA VAL B 37 -26.00 8.09 25.29
C VAL B 37 -27.13 8.98 24.74
N ASP B 38 -28.03 9.41 25.62
CA ASP B 38 -29.06 10.35 25.23
C ASP B 38 -28.91 11.63 26.02
N LEU B 39 -29.15 12.75 25.36
CA LEU B 39 -29.24 14.01 26.04
C LEU B 39 -30.72 14.29 26.23
N LEU B 40 -31.06 14.89 27.37
CA LEU B 40 -32.44 14.99 27.77
C LEU B 40 -32.73 16.44 28.05
N LYS B 41 -33.87 16.92 27.54
CA LYS B 41 -34.41 18.18 27.97
C LYS B 41 -35.71 17.88 28.71
N ASN B 42 -35.78 18.34 29.94
CA ASN B 42 -36.94 18.10 30.79
C ASN B 42 -37.40 16.64 30.71
N GLY B 43 -36.46 15.72 30.87
CA GLY B 43 -36.75 14.30 30.92
C GLY B 43 -36.90 13.62 29.56
N GLU B 44 -36.87 14.41 28.49
CA GLU B 44 -37.11 13.90 27.15
C GLU B 44 -35.88 13.94 26.25
N ARG B 45 -35.84 12.98 25.36
CA ARG B 45 -34.73 12.78 24.53
C ARG B 45 -34.73 13.77 23.41
N ILE B 46 -33.66 14.56 23.37
CA ILE B 46 -33.35 15.42 22.25
C ILE B 46 -32.95 14.58 21.04
N GLU B 47 -33.48 14.94 19.89
CA GLU B 47 -33.38 14.13 18.67
C GLU B 47 -32.09 14.41 17.89
N LYS B 48 -31.74 15.68 17.76
CA LYS B 48 -30.57 16.11 17.01
C LYS B 48 -29.33 16.14 17.90
N VAL B 49 -28.68 14.99 18.03
CA VAL B 49 -27.52 14.84 18.86
C VAL B 49 -26.42 14.31 17.97
N GLU B 50 -25.24 14.89 18.09
CA GLU B 50 -24.09 14.39 17.32
C GLU B 50 -23.05 13.82 18.28
N HIS B 51 -22.06 13.12 17.75
CA HIS B 51 -20.96 12.64 18.57
C HIS B 51 -19.62 12.66 17.81
N SER B 52 -18.54 12.80 18.57
CA SER B 52 -17.19 12.68 18.08
C SER B 52 -16.98 11.27 17.59
N ASP B 53 -15.93 11.08 16.80
CA ASP B 53 -15.57 9.76 16.30
C ASP B 53 -14.84 8.94 17.40
N LEU B 54 -15.20 7.66 17.48
CA LEU B 54 -14.66 6.73 18.46
C LEU B 54 -13.13 6.66 18.50
N SER B 55 -12.60 6.91 19.69
CA SER B 55 -11.19 6.86 19.89
C SER B 55 -10.99 6.25 21.27
N PHE B 56 -9.74 6.11 21.68
CA PHE B 56 -9.42 5.48 22.93
C PHE B 56 -8.08 5.99 23.49
N SER B 57 -7.88 5.76 24.78
CA SER B 57 -6.73 6.23 25.55
C SER B 57 -5.67 5.13 25.65
N LYS B 58 -4.59 5.41 26.37
CA LYS B 58 -3.44 4.50 26.42
C LYS B 58 -3.83 3.17 27.01
N ASP B 59 -4.73 3.18 28.00
CA ASP B 59 -5.23 1.94 28.63
C ASP B 59 -6.24 1.18 27.79
N TRP B 60 -6.46 1.64 26.56
CA TRP B 60 -7.34 1.05 25.57
C TRP B 60 -8.81 1.39 25.73
N SER B 61 -9.16 2.20 26.72
CA SER B 61 -10.57 2.50 26.94
C SER B 61 -11.03 3.65 26.11
N PHE B 62 -12.31 3.62 25.78
CA PHE B 62 -12.87 4.45 24.79
C PHE B 62 -13.39 5.75 25.33
N TYR B 63 -13.50 6.73 24.43
CA TYR B 63 -14.13 7.95 24.79
C TYR B 63 -14.89 8.54 23.65
N LEU B 64 -15.98 9.23 23.99
CA LEU B 64 -16.84 9.89 23.02
C LEU B 64 -17.46 11.10 23.65
N LEU B 65 -17.59 12.14 22.86
CA LEU B 65 -18.32 13.32 23.18
C LEU B 65 -19.62 13.34 22.35
N TYR B 66 -20.75 13.34 23.05
CA TYR B 66 -22.04 13.62 22.51
C TYR B 66 -22.43 15.04 22.82
N TYR B 67 -23.08 15.70 21.86
CA TYR B 67 -23.40 17.13 21.96
C TYR B 67 -24.58 17.62 21.03
N THR B 68 -25.17 18.74 21.45
CA THR B 68 -26.32 19.32 20.79
C THR B 68 -26.48 20.77 21.17
N GLU B 69 -27.05 21.59 20.30
CA GLU B 69 -27.34 22.98 20.61
C GLU B 69 -28.38 23.05 21.68
N PHE B 70 -28.35 24.14 22.42
CA PHE B 70 -29.35 24.44 23.43
C PHE B 70 -29.18 25.88 23.94
N THR B 71 -30.28 26.38 24.49
CA THR B 71 -30.30 27.67 25.12
C THR B 71 -30.74 27.35 26.50
N PRO B 72 -29.87 27.62 27.48
CA PRO B 72 -30.34 27.43 28.85
C PRO B 72 -31.32 28.54 29.30
N THR B 73 -32.17 28.19 30.26
CA THR B 73 -33.13 29.11 30.85
C THR B 73 -33.22 28.78 32.33
N GLU B 74 -33.90 29.61 33.09
CA GLU B 74 -34.02 29.39 34.52
C GLU B 74 -34.73 28.08 34.79
N LYS B 75 -35.78 27.74 34.03
CA LYS B 75 -36.63 26.60 34.39
C LYS B 75 -36.39 25.23 33.74
N ASP B 76 -35.68 25.17 32.61
CA ASP B 76 -35.41 23.89 31.91
C ASP B 76 -34.34 22.95 32.50
N GLU B 77 -34.70 21.69 32.73
CA GLU B 77 -33.73 20.70 33.21
C GLU B 77 -32.99 20.12 32.00
N TYR B 78 -31.69 19.85 32.14
CA TYR B 78 -30.98 19.00 31.17
C TYR B 78 -30.26 17.80 31.84
N ALA B 79 -30.12 16.71 31.13
CA ALA B 79 -29.45 15.58 31.69
C ALA B 79 -28.82 14.74 30.61
N CYS B 80 -27.91 13.86 31.04
CA CYS B 80 -27.32 12.89 30.14
C CYS B 80 -27.82 11.53 30.60
N ARG B 81 -28.15 10.64 29.66
CA ARG B 81 -28.62 9.30 30.04
C ARG B 81 -27.80 8.27 29.32
N VAL B 82 -27.14 7.39 30.09
CA VAL B 82 -26.18 6.46 29.54
C VAL B 82 -26.51 5.03 29.86
N ASN B 83 -26.34 4.15 28.89
CA ASN B 83 -26.45 2.74 29.10
C ASN B 83 -25.30 2.04 28.42
N HIS B 84 -24.86 0.96 29.06
CA HIS B 84 -23.71 0.25 28.63
C HIS B 84 -23.82 -1.07 29.34
N VAL B 85 -23.29 -2.10 28.69
CA VAL B 85 -23.34 -3.45 29.23
C VAL B 85 -22.91 -3.55 30.71
N THR B 86 -22.00 -2.71 31.16
CA THR B 86 -21.61 -2.71 32.59
C THR B 86 -22.59 -2.06 33.57
N LEU B 87 -23.72 -1.55 33.10
CA LEU B 87 -24.62 -0.82 33.98
C LEU B 87 -25.86 -1.65 34.05
N SER B 88 -26.35 -1.94 35.25
CA SER B 88 -27.51 -2.84 35.41
C SER B 88 -28.74 -2.17 34.84
N GLN B 89 -28.76 -0.85 34.96
CA GLN B 89 -29.78 -0.05 34.36
C GLN B 89 -29.16 1.29 33.96
N PRO B 90 -29.92 2.13 33.25
CA PRO B 90 -29.37 3.40 32.79
C PRO B 90 -29.00 4.35 33.91
N LYS B 91 -27.91 5.09 33.70
CA LYS B 91 -27.43 6.12 34.60
C LYS B 91 -27.71 7.49 34.00
N ILE B 92 -28.32 8.31 34.84
CA ILE B 92 -28.71 9.62 34.47
C ILE B 92 -27.96 10.60 35.32
N VAL B 93 -27.30 11.54 34.67
CA VAL B 93 -26.54 12.57 35.34
C VAL B 93 -27.09 13.87 34.84
N LYS B 94 -27.41 14.70 35.82
CA LYS B 94 -28.06 15.98 35.59
C LYS B 94 -27.04 17.02 35.33
N TRP B 95 -27.42 17.97 34.52
CA TRP B 95 -26.60 19.07 34.23
C TRP B 95 -26.78 20.07 35.34
N ASP B 96 -25.66 20.47 35.95
CA ASP B 96 -25.59 21.47 37.01
C ASP B 96 -24.62 22.51 36.47
N ARG B 97 -25.02 23.77 36.38
CA ARG B 97 -24.13 24.71 35.68
C ARG B 97 -22.73 24.86 36.36
N ASP B 98 -22.63 24.47 37.63
CA ASP B 98 -21.31 24.50 38.29
C ASP B 98 -20.66 23.12 38.48
N MET B 99 -20.74 22.29 37.43
CA MET B 99 -20.03 21.01 37.38
C MET B 99 -19.67 20.62 35.92
N GLY C 1 -10.03 -6.77 -30.76
CA GLY C 1 -9.68 -5.55 -29.98
C GLY C 1 -9.62 -5.79 -28.48
N SER C 2 -9.14 -6.98 -28.09
CA SER C 2 -8.82 -7.32 -26.70
C SER C 2 -7.50 -6.65 -26.27
N HIS C 3 -7.39 -6.31 -25.00
CA HIS C 3 -6.16 -5.70 -24.44
C HIS C 3 -5.89 -6.26 -23.07
N SER C 4 -4.66 -6.11 -22.64
CA SER C 4 -4.21 -6.75 -21.45
C SER C 4 -3.18 -5.86 -20.77
N MET C 5 -3.14 -5.88 -19.45
CA MET C 5 -2.05 -5.22 -18.70
C MET C 5 -1.35 -6.33 -17.95
N ARG C 6 -0.04 -6.27 -17.91
CA ARG C 6 0.73 -7.29 -17.26
C ARG C 6 1.89 -6.62 -16.53
N TYR C 7 2.19 -7.10 -15.34
CA TYR C 7 3.37 -6.64 -14.61
C TYR C 7 4.27 -7.82 -14.32
N PHE C 8 5.56 -7.62 -14.42
CA PHE C 8 6.49 -8.69 -14.19
C PHE C 8 7.52 -8.31 -13.14
N TYR C 9 7.63 -9.11 -12.09
CA TYR C 9 8.64 -8.86 -11.10
C TYR C 9 9.61 -10.01 -11.04
N THR C 10 10.88 -9.68 -10.88
CA THR C 10 11.98 -10.61 -10.69
C THR C 10 12.87 -10.10 -9.56
N SER C 11 13.10 -10.99 -8.59
CA SER C 11 13.97 -10.76 -7.46
C SER C 11 14.99 -11.90 -7.46
N VAL C 12 16.27 -11.54 -7.47
CA VAL C 12 17.39 -12.47 -7.49
C VAL C 12 18.28 -12.23 -6.27
N SER C 13 18.49 -13.22 -5.41
CA SER C 13 19.35 -12.98 -4.24
C SER C 13 20.80 -12.88 -4.69
N ARG C 14 21.61 -12.14 -3.95
CA ARG C 14 23.01 -11.92 -4.34
C ARG C 14 23.90 -12.30 -3.16
N PRO C 15 23.97 -13.60 -2.88
CA PRO C 15 24.78 -14.06 -1.73
C PRO C 15 26.22 -13.50 -1.74
N GLY C 16 26.63 -12.93 -0.61
CA GLY C 16 27.99 -12.47 -0.48
C GLY C 16 28.19 -11.08 -1.02
N ARG C 17 27.13 -10.46 -1.52
CA ARG C 17 27.19 -9.06 -1.91
C ARG C 17 26.27 -8.18 -1.06
N GLY C 18 24.96 -8.47 -1.06
CA GLY C 18 23.97 -7.61 -0.37
C GLY C 18 22.54 -7.90 -0.79
N GLU C 19 21.68 -6.88 -0.79
CA GLU C 19 20.26 -7.12 -0.97
C GLU C 19 19.94 -7.66 -2.38
N PRO C 20 18.81 -8.34 -2.53
CA PRO C 20 18.46 -8.85 -3.85
C PRO C 20 18.33 -7.80 -4.94
N ARG C 21 18.62 -8.18 -6.17
CA ARG C 21 18.33 -7.34 -7.32
C ARG C 21 16.84 -7.47 -7.60
N PHE C 22 16.15 -6.34 -7.73
CA PHE C 22 14.72 -6.39 -7.92
C PHE C 22 14.33 -5.58 -9.12
N ILE C 23 13.70 -6.25 -10.09
CA ILE C 23 13.32 -5.59 -11.35
C ILE C 23 11.86 -5.73 -11.67
N ALA C 24 11.21 -4.59 -11.92
CA ALA C 24 9.78 -4.57 -12.26
C ALA C 24 9.57 -3.95 -13.62
N VAL C 25 8.72 -4.58 -14.43
CA VAL C 25 8.30 -3.99 -15.67
C VAL C 25 6.79 -4.15 -15.87
N GLY C 26 6.22 -3.16 -16.55
CA GLY C 26 4.81 -3.13 -16.84
C GLY C 26 4.58 -2.98 -18.34
N TYR C 27 3.61 -3.73 -18.84
CA TYR C 27 3.21 -3.73 -20.23
C TYR C 27 1.72 -3.40 -20.35
N VAL C 28 1.34 -2.74 -21.43
CA VAL C 28 -0.01 -2.86 -21.97
C VAL C 28 0.12 -3.57 -23.30
N ASP C 29 -0.46 -4.77 -23.41
CA ASP C 29 -0.22 -5.67 -24.58
C ASP C 29 1.29 -5.94 -24.77
N ASP C 30 1.79 -5.68 -25.98
CA ASP C 30 3.20 -5.81 -26.34
C ASP C 30 4.03 -4.53 -26.12
N THR C 31 3.51 -3.53 -25.43
CA THR C 31 4.23 -2.27 -25.29
C THR C 31 4.62 -2.06 -23.82
N GLN C 32 5.91 -1.90 -23.55
CA GLN C 32 6.38 -1.59 -22.22
C GLN C 32 6.05 -0.15 -21.85
N PHE C 33 5.70 0.10 -20.58
CA PHE C 33 5.43 1.50 -20.18
C PHE C 33 6.05 1.97 -18.83
N VAL C 34 6.40 1.08 -17.90
CA VAL C 34 7.14 1.48 -16.71
C VAL C 34 8.17 0.48 -16.30
N ARG C 35 9.04 0.90 -15.39
CA ARG C 35 10.10 0.06 -14.89
CA ARG C 35 10.15 0.10 -14.92
C ARG C 35 10.55 0.56 -13.55
N PHE C 36 11.03 -0.39 -12.74
CA PHE C 36 11.72 -0.07 -11.52
C PHE C 36 12.90 -1.00 -11.47
N ASP C 37 14.06 -0.46 -11.11
CA ASP C 37 15.25 -1.25 -10.97
C ASP C 37 15.96 -0.81 -9.75
N SER C 38 16.08 -1.73 -8.79
CA SER C 38 16.66 -1.51 -7.47
C SER C 38 18.10 -0.98 -7.54
N ASP C 39 18.84 -1.35 -8.58
CA ASP C 39 20.20 -0.82 -8.72
C ASP C 39 20.24 0.63 -9.16
N ALA C 40 19.34 1.03 -10.04
CA ALA C 40 19.44 2.31 -10.67
C ALA C 40 19.46 3.45 -9.65
N ALA C 41 19.98 4.59 -10.10
CA ALA C 41 20.21 5.70 -9.18
C ALA C 41 18.90 6.24 -8.63
N SER C 42 17.88 6.34 -9.49
CA SER C 42 16.68 7.14 -9.19
C SER C 42 15.85 6.64 -8.02
N GLN C 43 15.73 5.31 -7.85
CA GLN C 43 14.86 4.71 -6.85
C GLN C 43 13.38 5.12 -7.04
N ARG C 44 12.94 5.15 -8.29
CA ARG C 44 11.59 5.57 -8.61
C ARG C 44 11.04 4.63 -9.65
N MET C 45 9.73 4.41 -9.65
CA MET C 45 9.11 3.94 -10.88
C MET C 45 9.29 5.01 -11.95
N GLU C 46 9.64 4.55 -13.15
CA GLU C 46 10.09 5.39 -14.25
C GLU C 46 9.31 5.12 -15.54
N PRO C 47 8.95 6.19 -16.26
CA PRO C 47 8.13 6.04 -17.45
C PRO C 47 8.92 5.31 -18.54
N ARG C 48 8.25 4.56 -19.41
CA ARG C 48 8.97 3.98 -20.53
C ARG C 48 8.25 4.14 -21.82
N ALA C 49 7.16 4.89 -21.84
CA ALA C 49 6.39 5.11 -23.08
C ALA C 49 5.83 6.51 -23.03
N PRO C 50 5.88 7.26 -24.15
CA PRO C 50 5.49 8.69 -24.15
C PRO C 50 4.20 9.00 -23.38
N TRP C 51 3.23 8.11 -23.52
CA TRP C 51 1.85 8.36 -23.06
C TRP C 51 1.57 8.21 -21.55
N ILE C 52 2.51 7.64 -20.80
CA ILE C 52 2.42 7.52 -19.36
C ILE C 52 3.16 8.67 -18.70
N GLU C 53 3.89 9.47 -19.48
CA GLU C 53 4.58 10.66 -18.90
C GLU C 53 3.63 11.77 -18.49
N GLN C 54 2.46 11.84 -19.12
CA GLN C 54 1.49 12.82 -18.71
C GLN C 54 0.91 12.58 -17.28
N GLU C 55 1.28 11.50 -16.60
CA GLU C 55 0.81 11.27 -15.23
C GLU C 55 1.58 12.15 -14.30
N GLY C 56 0.88 12.72 -13.31
CA GLY C 56 1.44 13.70 -12.40
C GLY C 56 2.34 13.02 -11.40
N PRO C 57 3.14 13.80 -10.65
CA PRO C 57 4.10 13.20 -9.68
C PRO C 57 3.44 12.32 -8.62
N GLU C 58 2.18 12.59 -8.31
CA GLU C 58 1.49 11.79 -7.33
C GLU C 58 1.33 10.29 -7.78
N TYR C 59 1.13 10.05 -9.09
CA TYR C 59 1.15 8.67 -9.65
C TYR C 59 2.52 7.99 -9.45
N TRP C 60 3.56 8.74 -9.74
CA TRP C 60 4.92 8.23 -9.60
C TRP C 60 5.21 7.97 -8.17
N ASP C 61 4.66 8.82 -7.29
CA ASP C 61 4.91 8.64 -5.86
C ASP C 61 4.24 7.39 -5.36
N GLN C 62 3.00 7.19 -5.74
CA GLN C 62 2.31 6.00 -5.32
C GLN C 62 2.90 4.73 -5.94
N GLU C 63 3.16 4.75 -7.26
CA GLU C 63 3.77 3.58 -7.93
C GLU C 63 5.10 3.19 -7.29
N THR C 64 5.90 4.21 -6.95
CA THR C 64 7.22 3.99 -6.33
C THR C 64 7.13 3.41 -4.92
N ARG C 65 6.16 3.82 -4.11
CA ARG C 65 5.99 3.23 -2.77
C ARG C 65 5.45 1.80 -2.87
N ASN C 66 4.38 1.61 -3.63
CA ASN C 66 3.86 0.27 -3.80
C ASN C 66 4.93 -0.70 -4.34
N VAL C 67 5.73 -0.29 -5.30
CA VAL C 67 6.67 -1.23 -5.92
C VAL C 67 7.77 -1.53 -4.91
N LYS C 68 8.10 -0.53 -4.09
CA LYS C 68 9.12 -0.71 -3.07
C LYS C 68 8.70 -1.75 -2.02
N ALA C 69 7.44 -1.73 -1.67
CA ALA C 69 6.94 -2.60 -0.63
C ALA C 69 6.92 -4.03 -1.19
N GLN C 70 6.49 -4.16 -2.45
CA GLN C 70 6.61 -5.47 -3.16
C GLN C 70 8.04 -5.97 -3.10
N SER C 71 8.97 -5.07 -3.36
CA SER C 71 10.38 -5.44 -3.27
C SER C 71 10.80 -6.01 -1.92
N GLN C 72 10.31 -5.42 -0.83
CA GLN C 72 10.73 -5.86 0.49
C GLN C 72 10.13 -7.23 0.83
N THR C 73 8.86 -7.40 0.52
CA THR C 73 8.17 -8.67 0.69
C THR C 73 8.89 -9.77 -0.08
N ASP C 74 9.25 -9.52 -1.35
CA ASP C 74 10.00 -10.53 -2.12
C ASP C 74 11.37 -10.83 -1.47
N ARG C 75 12.02 -9.83 -0.93
CA ARG C 75 13.30 -10.04 -0.26
C ARG C 75 13.17 -11.00 0.94
N VAL C 76 12.13 -10.83 1.73
CA VAL C 76 11.90 -11.71 2.86
C VAL C 76 11.47 -13.10 2.41
N ASP C 77 10.61 -13.20 1.41
CA ASP C 77 10.21 -14.53 0.88
C ASP C 77 11.34 -15.40 0.33
N LEU C 78 12.35 -14.79 -0.27
CA LEU C 78 13.57 -15.52 -0.68
C LEU C 78 14.17 -16.24 0.52
N GLY C 79 14.26 -15.58 1.67
CA GLY C 79 14.76 -16.20 2.91
C GLY C 79 13.95 -17.40 3.33
N THR C 80 12.65 -17.22 3.50
CA THR C 80 11.74 -18.31 3.83
C THR C 80 11.85 -19.45 2.87
N LEU C 81 11.87 -19.21 1.56
CA LEU C 81 11.87 -20.35 0.59
C LEU C 81 13.21 -21.09 0.62
N ARG C 82 14.28 -20.37 0.83
CA ARG C 82 15.55 -21.00 1.04
C ARG C 82 15.45 -22.06 2.14
N GLY C 83 14.83 -21.69 3.27
CA GLY C 83 14.51 -22.62 4.35
C GLY C 83 13.65 -23.78 3.85
N TYR C 84 12.52 -23.46 3.24
CA TYR C 84 11.57 -24.50 2.81
C TYR C 84 12.29 -25.56 1.97
N TYR C 85 13.26 -25.16 1.17
CA TYR C 85 13.94 -26.10 0.27
C TYR C 85 15.33 -26.55 0.78
N ASN C 86 15.64 -26.25 2.04
CA ASN C 86 16.90 -26.66 2.67
C ASN C 86 18.06 -26.20 1.86
N GLN C 87 17.92 -25.02 1.27
CA GLN C 87 18.97 -24.45 0.46
C GLN C 87 19.89 -23.63 1.38
N SER C 88 20.84 -22.93 0.81
CA SER C 88 21.88 -22.33 1.59
C SER C 88 22.04 -20.85 1.30
N GLU C 89 22.60 -20.13 2.27
CA GLU C 89 22.74 -18.70 2.09
C GLU C 89 23.86 -18.33 1.15
N ASP C 90 24.66 -19.30 0.71
CA ASP C 90 25.68 -19.08 -0.34
C ASP C 90 25.11 -19.12 -1.79
N GLY C 91 23.92 -19.67 -1.98
CA GLY C 91 23.37 -19.84 -3.32
C GLY C 91 22.46 -18.70 -3.72
N SER C 92 22.47 -18.33 -4.97
CA SER C 92 21.56 -17.32 -5.53
C SER C 92 20.20 -17.92 -5.99
N HIS C 93 19.08 -17.31 -5.60
CA HIS C 93 17.72 -17.80 -6.00
C HIS C 93 16.86 -16.70 -6.59
N THR C 94 15.79 -17.10 -7.25
CA THR C 94 15.00 -16.16 -8.03
C THR C 94 13.51 -16.34 -7.73
N ILE C 95 12.86 -15.22 -7.46
CA ILE C 95 11.40 -15.20 -7.40
C ILE C 95 10.86 -14.34 -8.51
N GLN C 96 9.91 -14.91 -9.23
CA GLN C 96 9.24 -14.23 -10.28
C GLN C 96 7.75 -14.19 -10.04
N ILE C 97 7.16 -13.10 -10.49
CA ILE C 97 5.76 -12.82 -10.23
C ILE C 97 5.25 -12.16 -11.47
N MET C 98 4.13 -12.65 -11.95
CA MET C 98 3.48 -12.21 -13.16
CA MET C 98 3.47 -12.09 -13.12
C MET C 98 2.02 -11.96 -12.75
N TYR C 99 1.47 -10.77 -13.03
CA TYR C 99 0.03 -10.59 -12.86
C TYR C 99 -0.57 -9.56 -13.81
N GLY C 100 -1.90 -9.61 -13.93
CA GLY C 100 -2.66 -8.56 -14.63
C GLY C 100 -4.02 -8.98 -15.11
N CYS C 101 -4.60 -8.16 -15.99
CA CYS C 101 -5.96 -8.40 -16.40
C CYS C 101 -6.14 -8.29 -17.89
N ASP C 102 -7.11 -9.04 -18.43
CA ASP C 102 -7.57 -8.86 -19.82
C ASP C 102 -8.90 -8.13 -19.88
N VAL C 103 -9.08 -7.22 -20.82
CA VAL C 103 -10.42 -6.71 -21.10
C VAL C 103 -10.80 -7.07 -22.50
N GLY C 104 -12.10 -7.21 -22.72
CA GLY C 104 -12.62 -7.31 -24.06
C GLY C 104 -12.64 -5.99 -24.82
N PRO C 105 -12.97 -6.06 -26.13
CA PRO C 105 -13.13 -4.92 -27.06
C PRO C 105 -13.88 -3.69 -26.51
N ASP C 106 -14.83 -3.96 -25.62
CA ASP C 106 -15.67 -2.97 -24.95
C ASP C 106 -15.09 -2.34 -23.66
N GLY C 107 -13.95 -2.86 -23.19
CA GLY C 107 -13.35 -2.32 -21.96
C GLY C 107 -13.65 -3.10 -20.70
N ARG C 108 -14.52 -4.11 -20.79
CA ARG C 108 -14.93 -4.84 -19.61
C ARG C 108 -14.15 -6.12 -19.36
N PHE C 109 -14.09 -6.47 -18.07
CA PHE C 109 -13.24 -7.51 -17.57
C PHE C 109 -13.57 -8.85 -18.22
N LEU C 110 -12.53 -9.54 -18.70
CA LEU C 110 -12.63 -10.96 -19.10
C LEU C 110 -11.93 -11.91 -18.15
N ARG C 111 -10.71 -11.57 -17.79
CA ARG C 111 -9.81 -12.53 -17.23
C ARG C 111 -8.78 -11.81 -16.37
N GLY C 112 -8.38 -12.47 -15.32
CA GLY C 112 -7.40 -11.93 -14.37
C GLY C 112 -6.44 -13.05 -14.06
N TYR C 113 -5.18 -12.70 -13.77
CA TYR C 113 -4.13 -13.70 -13.50
C TYR C 113 -3.16 -13.23 -12.44
N ARG C 114 -2.61 -14.21 -11.74
CA ARG C 114 -1.46 -13.96 -10.95
C ARG C 114 -0.78 -15.29 -10.64
N GLN C 115 0.51 -15.36 -10.95
CA GLN C 115 1.29 -16.52 -10.71
C GLN C 115 2.75 -16.19 -10.31
N ASP C 116 3.32 -17.11 -9.52
CA ASP C 116 4.60 -16.92 -8.88
C ASP C 116 5.43 -18.14 -9.18
N ALA C 117 6.73 -17.93 -9.27
CA ALA C 117 7.68 -18.98 -9.55
C ALA C 117 8.89 -18.88 -8.60
N TYR C 118 9.58 -19.99 -8.39
CA TYR C 118 10.83 -20.01 -7.66
C TYR C 118 11.85 -20.69 -8.55
N ASP C 119 13.02 -20.12 -8.66
CA ASP C 119 14.07 -20.69 -9.50
C ASP C 119 13.54 -21.20 -10.84
N GLY C 120 12.74 -20.38 -11.52
CA GLY C 120 12.19 -20.70 -12.85
C GLY C 120 11.10 -21.77 -13.03
N LYS C 121 10.63 -22.38 -11.93
CA LYS C 121 9.51 -23.35 -11.95
C LYS C 121 8.29 -22.79 -11.25
N ASP C 122 7.12 -23.27 -11.64
CA ASP C 122 5.90 -22.95 -10.97
C ASP C 122 6.00 -23.12 -9.44
N TYR C 123 5.41 -22.18 -8.70
CA TYR C 123 5.40 -22.27 -7.27
C TYR C 123 3.94 -22.26 -6.78
N ILE C 124 3.24 -21.14 -6.99
CA ILE C 124 1.81 -21.05 -6.65
C ILE C 124 1.11 -20.13 -7.64
N ALA C 125 -0.18 -20.33 -7.86
CA ALA C 125 -0.85 -19.52 -8.85
C ALA C 125 -2.27 -19.33 -8.46
N LEU C 126 -2.84 -18.22 -8.87
CA LEU C 126 -4.25 -18.00 -8.64
C LEU C 126 -4.98 -18.72 -9.77
N ASN C 127 -6.02 -19.48 -9.43
CA ASN C 127 -6.86 -20.10 -10.45
C ASN C 127 -7.80 -19.14 -11.15
N GLU C 128 -8.46 -19.67 -12.18
CA GLU C 128 -9.38 -18.94 -13.02
C GLU C 128 -10.48 -18.25 -12.21
N ASP C 129 -11.06 -18.97 -11.27
CA ASP C 129 -12.12 -18.41 -10.40
C ASP C 129 -11.69 -17.22 -9.50
N LEU C 130 -10.37 -17.01 -9.37
CA LEU C 130 -9.81 -15.91 -8.59
C LEU C 130 -10.14 -16.02 -7.11
N ARG C 131 -10.32 -17.25 -6.66
CA ARG C 131 -10.80 -17.50 -5.31
C ARG C 131 -10.08 -18.63 -4.70
N SER C 132 -9.05 -19.12 -5.35
CA SER C 132 -8.43 -20.34 -4.90
C SER C 132 -7.11 -20.44 -5.59
N TRP C 133 -6.21 -21.24 -5.02
CA TRP C 133 -4.83 -21.30 -5.42
C TRP C 133 -4.37 -22.72 -5.72
N THR C 134 -3.58 -22.90 -6.78
CA THR C 134 -2.87 -24.14 -7.02
C THR C 134 -1.40 -24.04 -6.59
N ALA C 135 -0.97 -24.97 -5.76
CA ALA C 135 0.42 -25.10 -5.31
C ALA C 135 1.14 -26.21 -6.05
N ALA C 136 2.31 -25.92 -6.59
CA ALA C 136 3.04 -26.85 -7.50
C ALA C 136 3.77 -27.91 -6.73
N ASP C 137 4.12 -27.64 -5.47
CA ASP C 137 4.86 -28.57 -4.66
C ASP C 137 4.64 -28.43 -3.10
N MET C 138 5.28 -29.28 -2.31
CA MET C 138 5.01 -29.32 -0.91
C MET C 138 5.24 -27.98 -0.23
N ALA C 139 6.36 -27.32 -0.55
CA ALA C 139 6.64 -26.01 0.01
C ALA C 139 5.55 -24.97 -0.33
N ALA C 140 5.11 -24.99 -1.58
CA ALA C 140 4.12 -24.02 -1.98
C ALA C 140 2.79 -24.26 -1.23
N GLN C 141 2.64 -25.47 -0.71
CA GLN C 141 1.44 -25.83 0.05
C GLN C 141 1.40 -25.09 1.37
N ILE C 142 2.56 -24.94 1.98
CA ILE C 142 2.64 -24.17 3.20
C ILE C 142 2.19 -22.75 2.86
N THR C 143 2.74 -22.19 1.77
CA THR C 143 2.32 -20.85 1.36
C THR C 143 0.81 -20.82 1.17
N LYS C 144 0.28 -21.79 0.44
CA LYS C 144 -1.16 -21.78 0.10
C LYS C 144 -2.04 -21.74 1.35
N ARG C 145 -1.68 -22.49 2.37
CA ARG C 145 -2.38 -22.45 3.66
C ARG C 145 -2.38 -21.09 4.29
N LYS C 146 -1.26 -20.43 4.29
CA LYS C 146 -1.19 -19.06 4.82
C LYS C 146 -2.07 -18.13 4.01
N TRP C 147 -2.00 -18.25 2.70
CA TRP C 147 -2.77 -17.36 1.85
C TRP C 147 -4.27 -17.60 1.98
N GLU C 148 -4.67 -18.86 2.11
CA GLU C 148 -6.10 -19.18 2.36
C GLU C 148 -6.56 -18.58 3.70
N ALA C 149 -5.79 -18.79 4.75
CA ALA C 149 -6.10 -18.22 6.05
C ALA C 149 -5.98 -16.69 6.12
N ALA C 150 -5.21 -16.05 5.23
CA ALA C 150 -5.20 -14.56 5.17
C ALA C 150 -6.30 -13.95 4.29
N HIS C 151 -7.04 -14.79 3.56
CA HIS C 151 -7.95 -14.33 2.53
C HIS C 151 -7.22 -13.46 1.49
N ALA C 152 -6.03 -13.85 1.10
CA ALA C 152 -5.27 -13.12 0.06
C ALA C 152 -5.97 -13.12 -1.27
N ALA C 153 -6.61 -14.23 -1.62
CA ALA C 153 -7.24 -14.28 -2.95
C ALA C 153 -8.26 -13.16 -3.09
N GLU C 154 -9.01 -12.90 -2.04
CA GLU C 154 -9.98 -11.82 -2.05
C GLU C 154 -9.37 -10.44 -2.41
N GLN C 155 -8.19 -10.14 -1.89
CA GLN C 155 -7.56 -8.87 -2.25
C GLN C 155 -6.99 -8.91 -3.67
N GLN C 156 -6.46 -10.05 -4.12
CA GLN C 156 -6.02 -10.19 -5.52
C GLN C 156 -7.16 -9.86 -6.45
N ARG C 157 -8.27 -10.55 -6.23
CA ARG C 157 -9.44 -10.41 -7.06
C ARG C 157 -9.96 -8.97 -7.12
N ALA C 158 -9.88 -8.25 -6.01
CA ALA C 158 -10.45 -6.95 -5.95
C ALA C 158 -9.59 -5.97 -6.78
N TYR C 159 -8.27 -6.19 -6.76
CA TYR C 159 -7.40 -5.42 -7.62
C TYR C 159 -7.60 -5.80 -9.10
N LEU C 160 -7.61 -7.10 -9.38
CA LEU C 160 -7.65 -7.55 -10.76
C LEU C 160 -8.94 -7.18 -11.46
N GLU C 161 -10.03 -7.15 -10.73
CA GLU C 161 -11.29 -6.78 -11.31
C GLU C 161 -11.58 -5.30 -11.18
N GLY C 162 -10.82 -4.58 -10.38
CA GLY C 162 -11.11 -3.19 -10.12
C GLY C 162 -10.04 -2.35 -10.74
N ARG C 163 -9.03 -2.02 -9.93
CA ARG C 163 -8.03 -1.05 -10.35
C ARG C 163 -7.26 -1.47 -11.59
N CYS C 164 -7.03 -2.76 -11.76
CA CYS C 164 -6.29 -3.25 -12.92
C CYS C 164 -7.02 -2.85 -14.18
N VAL C 165 -8.30 -3.12 -14.20
CA VAL C 165 -9.15 -2.83 -15.31
C VAL C 165 -9.32 -1.33 -15.52
N GLU C 166 -9.54 -0.57 -14.45
CA GLU C 166 -9.69 0.88 -14.62
C GLU C 166 -8.43 1.55 -15.21
N TRP C 167 -7.28 1.23 -14.67
CA TRP C 167 -6.06 1.89 -15.15
C TRP C 167 -5.74 1.42 -16.57
N LEU C 168 -5.98 0.15 -16.85
CA LEU C 168 -5.83 -0.31 -18.24
C LEU C 168 -6.66 0.52 -19.21
N ARG C 169 -7.91 0.83 -18.83
CA ARG C 169 -8.83 1.56 -19.71
C ARG C 169 -8.30 2.95 -19.91
N ARG C 170 -7.92 3.58 -18.82
CA ARG C 170 -7.32 4.89 -18.90
C ARG C 170 -6.13 4.90 -19.86
N TYR C 171 -5.23 3.93 -19.71
CA TYR C 171 -3.98 3.93 -20.50
C TYR C 171 -4.26 3.70 -21.97
N LEU C 172 -5.24 2.85 -22.26
CA LEU C 172 -5.70 2.65 -23.61
C LEU C 172 -6.22 3.97 -24.20
N GLU C 173 -6.88 4.78 -23.39
CA GLU C 173 -7.34 6.08 -23.86
C GLU C 173 -6.17 7.06 -24.03
N ASN C 174 -5.40 7.30 -22.98
CA ASN C 174 -4.27 8.26 -23.07
C ASN C 174 -3.22 7.90 -24.12
N GLY C 175 -3.15 6.63 -24.49
CA GLY C 175 -2.14 6.16 -25.39
C GLY C 175 -2.73 5.58 -26.65
N LYS C 176 -3.95 5.99 -26.99
CA LYS C 176 -4.62 5.36 -28.12
C LYS C 176 -3.80 5.42 -29.44
N GLU C 177 -2.97 6.44 -29.60
CA GLU C 177 -2.31 6.60 -30.89
C GLU C 177 -1.30 5.49 -31.15
N THR C 178 -0.52 5.11 -30.15
CA THR C 178 0.37 3.97 -30.30
C THR C 178 -0.36 2.63 -30.02
N LEU C 179 -1.01 2.52 -28.86
CA LEU C 179 -1.62 1.26 -28.39
C LEU C 179 -2.73 0.70 -29.25
N GLN C 180 -3.49 1.52 -29.93
CA GLN C 180 -4.59 0.97 -30.72
C GLN C 180 -4.21 0.79 -32.19
N ARG C 181 -2.98 1.12 -32.55
CA ARG C 181 -2.47 0.90 -33.91
C ARG C 181 -2.31 -0.58 -34.28
N THR C 182 -2.35 -0.82 -35.59
CA THR C 182 -1.96 -2.09 -36.20
C THR C 182 -1.09 -1.76 -37.41
N ASP C 183 0.22 -1.83 -37.21
CA ASP C 183 1.17 -1.73 -38.28
C ASP C 183 1.26 -3.08 -38.95
N PRO C 184 0.79 -3.17 -40.20
CA PRO C 184 0.99 -4.42 -40.94
C PRO C 184 2.48 -4.64 -41.20
N PRO C 185 2.90 -5.91 -41.29
CA PRO C 185 4.26 -6.25 -41.62
C PRO C 185 4.70 -5.82 -43.03
N LYS C 186 5.90 -5.25 -43.12
CA LYS C 186 6.55 -5.09 -44.39
C LYS C 186 7.22 -6.41 -44.71
N THR C 187 6.94 -6.97 -45.90
CA THR C 187 7.46 -8.27 -46.23
C THR C 187 8.27 -8.30 -47.47
N HIS C 188 9.14 -9.28 -47.57
CA HIS C 188 9.88 -9.55 -48.78
C HIS C 188 10.48 -10.92 -48.64
N MET C 189 11.12 -11.41 -49.71
CA MET C 189 11.64 -12.76 -49.72
C MET C 189 13.08 -12.75 -50.19
N THR C 190 13.92 -13.64 -49.68
CA THR C 190 15.31 -13.75 -50.18
C THR C 190 15.62 -15.13 -50.75
N HIS C 191 16.75 -15.27 -51.42
CA HIS C 191 17.08 -16.48 -52.13
C HIS C 191 18.58 -16.71 -52.12
N HIS C 192 19.07 -17.67 -51.34
CA HIS C 192 20.51 -18.05 -51.39
C HIS C 192 20.74 -19.47 -51.92
N PRO C 193 21.46 -19.60 -53.04
CA PRO C 193 21.81 -20.97 -53.44
C PRO C 193 22.78 -21.54 -52.42
N ILE C 194 22.67 -22.84 -52.15
CA ILE C 194 23.48 -23.50 -51.15
C ILE C 194 24.15 -24.80 -51.62
N SER C 195 23.72 -25.33 -52.76
CA SER C 195 24.47 -26.36 -53.45
C SER C 195 24.29 -26.05 -54.96
N ASP C 196 24.47 -27.06 -55.81
CA ASP C 196 24.10 -26.95 -57.24
C ASP C 196 22.59 -27.06 -57.42
N HIS C 197 21.98 -28.06 -56.75
CA HIS C 197 20.55 -28.33 -56.91
C HIS C 197 19.80 -28.01 -55.61
N GLU C 198 20.08 -26.86 -55.02
CA GLU C 198 19.43 -26.50 -53.78
C GLU C 198 19.63 -25.06 -53.34
N ALA C 199 18.54 -24.40 -52.94
CA ALA C 199 18.56 -23.00 -52.44
C ALA C 199 17.63 -22.78 -51.23
N THR C 200 17.94 -21.76 -50.43
CA THR C 200 17.08 -21.34 -49.32
C THR C 200 16.20 -20.23 -49.77
N LEU C 201 14.90 -20.36 -49.54
CA LEU C 201 13.99 -19.24 -49.60
C LEU C 201 13.70 -18.79 -48.17
N ARG C 202 13.85 -17.49 -47.91
CA ARG C 202 13.52 -16.91 -46.61
C ARG C 202 12.51 -15.81 -46.76
N CYS C 203 11.45 -15.95 -45.98
CA CYS C 203 10.35 -15.02 -45.96
C CYS C 203 10.39 -14.14 -44.67
N TRP C 204 10.16 -12.84 -44.88
CA TRP C 204 10.44 -11.84 -43.86
C TRP C 204 9.22 -11.05 -43.57
N ALA C 205 9.02 -10.72 -42.30
CA ALA C 205 8.03 -9.68 -41.92
C ALA C 205 8.70 -8.75 -40.94
N LEU C 206 8.68 -7.46 -41.22
CA LEU C 206 9.34 -6.47 -40.41
C LEU C 206 8.37 -5.35 -40.11
N GLY C 207 8.68 -4.57 -39.09
CA GLY C 207 7.91 -3.38 -38.77
C GLY C 207 6.51 -3.59 -38.23
N PHE C 208 6.11 -4.80 -37.85
CA PHE C 208 4.72 -5.00 -37.40
C PHE C 208 4.47 -4.85 -35.89
N TYR C 209 3.27 -4.41 -35.57
CA TYR C 209 2.74 -4.43 -34.23
C TYR C 209 1.24 -4.70 -34.34
N PRO C 210 0.67 -5.58 -33.50
CA PRO C 210 1.30 -6.26 -32.40
C PRO C 210 2.15 -7.40 -32.86
N ALA C 211 2.75 -8.07 -31.90
CA ALA C 211 3.74 -9.08 -32.24
C ALA C 211 3.12 -10.36 -32.80
N GLU C 212 1.87 -10.65 -32.43
CA GLU C 212 1.22 -11.89 -32.87
C GLU C 212 1.27 -11.97 -34.42
N ILE C 213 1.83 -13.04 -34.98
CA ILE C 213 1.88 -13.17 -36.43
C ILE C 213 2.01 -14.62 -36.86
N THR C 214 1.56 -14.97 -38.05
CA THR C 214 1.85 -16.34 -38.59
C THR C 214 2.47 -16.26 -39.98
N LEU C 215 3.44 -17.13 -40.19
CA LEU C 215 4.18 -17.24 -41.42
C LEU C 215 4.17 -18.70 -41.78
N THR C 216 3.83 -19.04 -42.99
CA THR C 216 3.66 -20.44 -43.33
C THR C 216 4.15 -20.70 -44.73
N TRP C 217 4.85 -21.80 -44.91
CA TRP C 217 5.32 -22.15 -46.25
C TRP C 217 4.35 -23.10 -46.87
N GLN C 218 4.12 -22.97 -48.16
CA GLN C 218 3.35 -23.93 -48.97
C GLN C 218 4.14 -24.38 -50.18
N ARG C 219 3.90 -25.61 -50.59
CA ARG C 219 4.42 -26.15 -51.81
C ARG C 219 3.20 -26.59 -52.63
N ASP C 220 2.99 -25.91 -53.77
CA ASP C 220 1.81 -26.08 -54.61
C ASP C 220 0.56 -25.98 -53.77
N GLY C 221 0.46 -24.94 -52.95
CA GLY C 221 -0.78 -24.69 -52.22
C GLY C 221 -1.04 -25.48 -50.94
N GLU C 222 -0.10 -26.34 -50.54
CA GLU C 222 -0.26 -27.19 -49.37
C GLU C 222 0.79 -26.88 -48.28
N ASP C 223 0.33 -26.61 -47.05
CA ASP C 223 1.20 -26.14 -45.93
C ASP C 223 2.34 -27.10 -45.64
N GLN C 224 3.60 -26.66 -45.74
CA GLN C 224 4.72 -27.49 -45.25
C GLN C 224 4.78 -27.24 -43.76
N THR C 225 5.61 -28.01 -43.07
N THR C 225 5.42 -28.16 -43.05
CA THR C 225 5.93 -27.71 -41.68
CA THR C 225 5.28 -28.22 -41.60
C THR C 225 7.20 -28.49 -41.33
C THR C 225 6.65 -28.24 -40.96
N GLN C 226 7.57 -29.39 -42.23
N GLN C 226 7.50 -29.15 -41.44
CA GLN C 226 8.64 -30.34 -42.00
CA GLN C 226 8.64 -29.62 -40.67
C GLN C 226 10.02 -29.69 -42.17
C GLN C 226 9.96 -29.27 -41.36
N ASP C 227 10.20 -28.96 -43.26
N ASP C 227 9.84 -28.81 -42.61
CA ASP C 227 11.46 -28.24 -43.51
CA ASP C 227 10.99 -28.37 -43.42
C ASP C 227 11.41 -26.72 -43.27
C ASP C 227 11.31 -26.88 -43.22
N THR C 228 10.31 -26.16 -42.73
CA THR C 228 10.35 -24.75 -42.34
C THR C 228 11.29 -24.55 -41.13
N GLU C 229 12.38 -23.82 -41.34
CA GLU C 229 13.10 -23.25 -40.22
C GLU C 229 12.50 -21.89 -39.91
N LEU C 230 12.24 -21.61 -38.64
CA LEU C 230 11.60 -20.35 -38.31
C LEU C 230 11.99 -19.82 -36.96
N VAL C 231 12.43 -18.56 -36.91
CA VAL C 231 12.87 -17.95 -35.64
C VAL C 231 11.74 -17.39 -34.75
N GLU C 232 12.07 -17.20 -33.47
CA GLU C 232 11.15 -16.53 -32.59
C GLU C 232 10.98 -15.11 -33.09
N THR C 233 9.73 -14.66 -33.06
CA THR C 233 9.43 -13.27 -33.22
C THR C 233 10.31 -12.43 -32.28
N ARG C 234 11.07 -11.48 -32.81
CA ARG C 234 12.03 -10.73 -32.01
C ARG C 234 11.67 -9.24 -32.09
N PRO C 235 11.98 -8.47 -31.03
CA PRO C 235 11.70 -7.03 -31.07
C PRO C 235 12.74 -6.28 -31.89
N ALA C 236 12.29 -5.26 -32.61
CA ALA C 236 13.14 -4.40 -33.43
C ALA C 236 13.88 -3.35 -32.63
N GLY C 237 13.27 -2.88 -31.54
CA GLY C 237 13.87 -1.85 -30.69
C GLY C 237 13.18 -0.48 -30.75
N ASP C 238 12.19 -0.31 -31.65
CA ASP C 238 11.37 0.90 -31.75
C ASP C 238 9.90 0.59 -31.57
N GLY C 239 9.60 -0.47 -30.82
CA GLY C 239 8.22 -0.84 -30.53
C GLY C 239 7.59 -1.73 -31.58
N THR C 240 8.34 -2.08 -32.61
CA THR C 240 7.85 -3.02 -33.62
C THR C 240 8.60 -4.35 -33.55
N PHE C 241 8.06 -5.34 -34.23
CA PHE C 241 8.63 -6.69 -34.23
C PHE C 241 8.99 -7.20 -35.59
N GLN C 242 9.84 -8.22 -35.58
CA GLN C 242 10.29 -8.88 -36.79
C GLN C 242 10.18 -10.37 -36.65
N LYS C 243 10.16 -11.06 -37.78
CA LYS C 243 10.19 -12.50 -37.78
C LYS C 243 10.49 -12.99 -39.17
N TRP C 244 11.12 -14.15 -39.29
CA TRP C 244 11.23 -14.81 -40.58
C TRP C 244 11.02 -16.35 -40.54
N ALA C 245 10.92 -16.90 -41.73
CA ALA C 245 10.73 -18.34 -41.94
C ALA C 245 11.41 -18.74 -43.25
N ALA C 246 12.19 -19.82 -43.18
CA ALA C 246 12.89 -20.33 -44.33
C ALA C 246 12.57 -21.82 -44.65
N VAL C 247 12.85 -22.16 -45.90
CA VAL C 247 12.63 -23.46 -46.41
C VAL C 247 13.67 -23.72 -47.46
N VAL C 248 14.25 -24.91 -47.45
CA VAL C 248 15.21 -25.33 -48.46
C VAL C 248 14.54 -26.07 -49.60
N VAL C 249 14.66 -25.51 -50.81
CA VAL C 249 13.99 -26.06 -52.00
C VAL C 249 14.95 -26.62 -53.03
N PRO C 250 14.46 -27.58 -53.86
CA PRO C 250 15.33 -27.97 -54.97
C PRO C 250 15.45 -26.80 -55.94
N SER C 251 16.63 -26.64 -56.51
CA SER C 251 16.93 -25.49 -57.36
C SER C 251 16.20 -25.67 -58.67
N GLY C 252 15.43 -24.67 -59.08
CA GLY C 252 14.50 -24.80 -60.20
C GLY C 252 13.04 -24.95 -59.82
N GLU C 253 12.75 -25.31 -58.57
CA GLU C 253 11.39 -25.51 -58.06
C GLU C 253 10.86 -24.29 -57.27
N GLU C 254 11.53 -23.14 -57.40
CA GLU C 254 11.30 -22.00 -56.52
C GLU C 254 9.89 -21.45 -56.59
N GLN C 255 9.34 -21.43 -57.80
CA GLN C 255 7.98 -20.90 -58.00
C GLN C 255 6.89 -21.84 -57.46
N ARG C 256 7.23 -23.06 -57.12
CA ARG C 256 6.24 -23.89 -56.44
C ARG C 256 5.95 -23.40 -55.02
N TYR C 257 6.85 -22.59 -54.42
CA TYR C 257 6.66 -22.27 -53.01
C TYR C 257 6.02 -20.92 -52.74
N THR C 258 5.19 -20.88 -51.71
CA THR C 258 4.63 -19.62 -51.33
C THR C 258 4.66 -19.49 -49.83
N CYS C 259 4.85 -18.25 -49.37
CA CYS C 259 4.88 -17.94 -47.96
C CYS C 259 3.61 -17.19 -47.64
N HIS C 260 2.90 -17.65 -46.61
CA HIS C 260 1.63 -17.02 -46.27
C HIS C 260 1.77 -16.30 -44.99
N VAL C 261 1.20 -15.11 -44.93
CA VAL C 261 1.52 -14.15 -43.87
C VAL C 261 0.24 -13.60 -43.29
N GLN C 262 0.00 -13.94 -42.01
CA GLN C 262 -1.20 -13.51 -41.27
C GLN C 262 -0.88 -12.59 -40.10
N HIS C 263 -1.66 -11.51 -40.03
CA HIS C 263 -1.51 -10.43 -39.08
C HIS C 263 -2.80 -9.62 -39.04
N GLU C 264 -3.10 -9.15 -37.84
CA GLU C 264 -4.32 -8.41 -37.56
C GLU C 264 -4.40 -7.08 -38.34
N GLY C 265 -3.26 -6.46 -38.60
CA GLY C 265 -3.17 -5.27 -39.49
C GLY C 265 -3.31 -5.51 -41.00
N LEU C 266 -3.45 -6.77 -41.42
CA LEU C 266 -3.66 -7.11 -42.85
C LEU C 266 -5.12 -7.45 -43.18
N PRO C 267 -5.78 -6.60 -43.97
CA PRO C 267 -7.13 -6.97 -44.39
C PRO C 267 -7.23 -8.48 -44.62
N LYS C 268 -6.33 -9.02 -45.46
CA LYS C 268 -6.34 -10.44 -45.87
C LYS C 268 -4.95 -11.00 -45.85
N PRO C 269 -4.80 -12.30 -45.59
CA PRO C 269 -3.46 -12.87 -45.69
C PRO C 269 -2.72 -12.48 -46.98
N LEU C 270 -1.40 -12.30 -46.86
CA LEU C 270 -0.53 -12.12 -48.01
C LEU C 270 0.08 -13.42 -48.46
N THR C 271 0.34 -13.49 -49.75
CA THR C 271 1.04 -14.59 -50.36
C THR C 271 2.27 -13.99 -51.01
N LEU C 272 3.45 -14.51 -50.65
CA LEU C 272 4.69 -14.10 -51.25
C LEU C 272 5.19 -15.22 -52.13
N ARG C 273 5.83 -14.85 -53.24
CA ARG C 273 6.47 -15.82 -54.13
C ARG C 273 7.80 -15.31 -54.65
N TRP C 274 8.79 -16.20 -54.75
CA TRP C 274 10.02 -15.88 -55.48
C TRP C 274 9.76 -15.85 -56.98
N GLU C 275 9.65 -14.62 -57.50
CA GLU C 275 9.11 -14.33 -58.84
C GLU C 275 10.02 -13.38 -59.64
N ILE D 1 15.94 -27.12 -14.47
CA ILE D 1 16.30 -25.98 -13.56
C ILE D 1 17.05 -24.86 -14.29
N GLN D 2 17.79 -25.19 -15.36
CA GLN D 2 18.53 -24.20 -16.13
C GLN D 2 18.19 -24.28 -17.60
N ARG D 3 18.21 -23.12 -18.25
CA ARG D 3 17.90 -23.03 -19.66
C ARG D 3 18.85 -22.12 -20.40
N THR D 4 19.21 -22.59 -21.59
CA THR D 4 20.22 -21.99 -22.45
C THR D 4 19.58 -20.92 -23.34
N PRO D 5 20.27 -19.79 -23.48
CA PRO D 5 19.73 -18.71 -24.26
C PRO D 5 19.69 -19.07 -25.73
N LYS D 6 18.60 -18.74 -26.40
CA LYS D 6 18.63 -18.59 -27.83
C LYS D 6 19.16 -17.18 -28.10
N ILE D 7 19.67 -17.00 -29.31
CA ILE D 7 20.41 -15.82 -29.66
C ILE D 7 20.10 -15.37 -31.07
N GLN D 8 19.76 -14.09 -31.22
CA GLN D 8 19.62 -13.51 -32.57
C GLN D 8 20.30 -12.16 -32.72
N VAL D 9 21.10 -12.08 -33.79
CA VAL D 9 21.79 -10.87 -34.16
C VAL D 9 21.19 -10.29 -35.40
N TYR D 10 20.74 -9.06 -35.35
CA TYR D 10 20.10 -8.48 -36.51
C TYR D 10 20.16 -6.99 -36.38
N SER D 11 19.61 -6.27 -37.35
CA SER D 11 19.58 -4.81 -37.34
C SER D 11 18.14 -4.33 -37.14
N ARG D 12 17.98 -3.14 -36.58
CA ARG D 12 16.66 -2.56 -36.39
C ARG D 12 15.87 -2.26 -37.68
N HIS D 13 16.55 -1.63 -38.65
CA HIS D 13 15.99 -1.34 -39.98
C HIS D 13 16.87 -2.10 -40.98
N PRO D 14 16.36 -2.33 -42.22
CA PRO D 14 17.17 -3.05 -43.21
C PRO D 14 18.49 -2.29 -43.43
N ALA D 15 19.58 -3.03 -43.53
CA ALA D 15 20.89 -2.43 -43.57
C ALA D 15 21.16 -1.75 -44.90
N GLU D 16 21.51 -0.47 -44.85
CA GLU D 16 22.12 0.25 -45.97
C GLU D 16 23.44 0.91 -45.54
N ASN D 17 24.50 0.66 -46.31
CA ASN D 17 25.80 1.31 -46.04
C ASN D 17 25.77 2.81 -45.93
N GLY D 18 26.54 3.36 -45.00
CA GLY D 18 26.52 4.79 -44.74
C GLY D 18 25.23 5.32 -44.17
N LYS D 19 24.35 4.39 -43.78
N LYS D 19 24.32 4.41 -43.80
CA LYS D 19 23.06 4.74 -43.17
CA LYS D 19 23.03 4.79 -43.18
C LYS D 19 23.02 4.35 -41.68
C LYS D 19 23.02 4.37 -41.70
N SER D 20 22.76 5.34 -40.83
CA SER D 20 22.64 5.10 -39.41
C SER D 20 21.53 4.07 -39.11
N ASN D 21 21.75 3.26 -38.09
CA ASN D 21 20.90 2.10 -37.74
C ASN D 21 21.25 1.68 -36.27
N PHE D 22 20.68 0.55 -35.82
CA PHE D 22 21.04 -0.09 -34.54
C PHE D 22 21.29 -1.58 -34.74
N LEU D 23 22.38 -2.06 -34.16
CA LEU D 23 22.71 -3.48 -34.12
C LEU D 23 22.14 -4.07 -32.80
N ASN D 24 21.41 -5.16 -32.94
CA ASN D 24 20.68 -5.80 -31.86
C ASN D 24 21.24 -7.19 -31.61
N CYS D 25 21.35 -7.59 -30.35
CA CYS D 25 21.43 -9.00 -30.05
C CYS D 25 20.30 -9.30 -29.08
N TYR D 26 19.48 -10.29 -29.37
CA TYR D 26 18.28 -10.59 -28.62
C TYR D 26 18.54 -11.96 -28.04
N VAL D 27 18.49 -12.08 -26.72
CA VAL D 27 18.75 -13.33 -26.00
C VAL D 27 17.48 -13.66 -25.29
N SER D 28 17.02 -14.89 -25.41
CA SER D 28 15.75 -15.29 -24.83
C SER D 28 15.80 -16.70 -24.44
N GLY D 29 14.80 -17.15 -23.70
CA GLY D 29 14.67 -18.54 -23.32
C GLY D 29 15.63 -19.00 -22.25
N PHE D 30 16.20 -18.09 -21.46
CA PHE D 30 17.26 -18.50 -20.55
C PHE D 30 16.93 -18.34 -19.08
N HIS D 31 17.63 -19.15 -18.27
CA HIS D 31 17.47 -19.19 -16.84
C HIS D 31 18.71 -19.82 -16.21
N PRO D 32 19.23 -19.21 -15.12
CA PRO D 32 18.95 -17.92 -14.44
C PRO D 32 19.21 -16.67 -15.29
N SER D 33 19.04 -15.51 -14.68
CA SER D 33 18.98 -14.22 -15.40
C SER D 33 20.35 -13.54 -15.59
N ASP D 34 21.32 -14.01 -14.82
CA ASP D 34 22.70 -13.57 -14.97
C ASP D 34 23.20 -13.95 -16.38
N ILE D 35 23.68 -12.97 -17.12
CA ILE D 35 24.08 -13.18 -18.49
C ILE D 35 25.01 -12.06 -18.95
N GLU D 36 26.05 -12.45 -19.70
CA GLU D 36 27.02 -11.52 -20.27
C GLU D 36 26.76 -11.46 -21.78
N VAL D 37 26.49 -10.27 -22.32
CA VAL D 37 26.26 -10.09 -23.75
C VAL D 37 27.09 -8.94 -24.38
N ASP D 38 27.93 -9.28 -25.35
CA ASP D 38 28.77 -8.30 -26.01
C ASP D 38 28.56 -8.25 -27.51
N LEU D 39 28.45 -7.02 -28.01
CA LEU D 39 28.47 -6.75 -29.44
C LEU D 39 29.93 -6.54 -29.87
N LEU D 40 30.29 -7.10 -31.00
CA LEU D 40 31.62 -7.03 -31.49
C LEU D 40 31.63 -6.38 -32.87
N LYS D 41 32.61 -5.51 -33.09
CA LYS D 41 32.89 -4.95 -34.41
C LYS D 41 34.29 -5.43 -34.76
N ASN D 42 34.38 -6.20 -35.85
CA ASN D 42 35.65 -6.77 -36.33
C ASN D 42 36.41 -7.47 -35.23
N GLY D 43 35.68 -8.19 -34.39
CA GLY D 43 36.29 -8.93 -33.27
C GLY D 43 36.51 -8.15 -31.98
N GLU D 44 36.28 -6.83 -31.98
CA GLU D 44 36.46 -5.98 -30.80
C GLU D 44 35.15 -5.64 -30.07
N ARG D 45 35.19 -5.75 -28.75
CA ARG D 45 34.07 -5.38 -27.89
C ARG D 45 33.65 -3.94 -28.10
N ILE D 46 32.45 -3.70 -28.60
CA ILE D 46 31.88 -2.35 -28.73
C ILE D 46 31.57 -1.78 -27.33
N GLU D 47 31.77 -0.49 -27.15
CA GLU D 47 31.84 0.11 -25.81
C GLU D 47 30.48 0.48 -25.27
N LYS D 48 29.66 1.13 -26.08
CA LYS D 48 28.36 1.62 -25.67
C LYS D 48 27.17 0.73 -26.14
N VAL D 49 26.96 -0.34 -25.42
CA VAL D 49 25.86 -1.25 -25.66
C VAL D 49 24.85 -1.02 -24.56
N GLU D 50 23.60 -0.81 -24.88
CA GLU D 50 22.55 -0.83 -23.85
C GLU D 50 21.61 -2.07 -23.95
N HIS D 51 20.87 -2.35 -22.88
CA HIS D 51 19.93 -3.46 -22.89
C HIS D 51 18.56 -3.02 -22.37
N SER D 52 17.54 -3.76 -22.75
CA SER D 52 16.20 -3.53 -22.28
C SER D 52 16.06 -4.01 -20.84
N ASP D 53 14.96 -3.65 -20.21
CA ASP D 53 14.65 -4.08 -18.87
C ASP D 53 14.29 -5.59 -18.83
N LEU D 54 14.95 -6.32 -17.95
CA LEU D 54 14.67 -7.74 -17.77
C LEU D 54 13.21 -8.03 -17.53
N SER D 55 12.70 -8.93 -18.36
CA SER D 55 11.35 -9.39 -18.31
C SER D 55 11.42 -10.89 -18.65
N PHE D 56 10.25 -11.54 -18.66
CA PHE D 56 10.20 -12.97 -18.88
C PHE D 56 8.85 -13.42 -19.51
N SER D 57 8.86 -14.59 -20.13
CA SER D 57 7.70 -15.16 -20.85
C SER D 57 6.89 -16.07 -19.93
N LYS D 58 5.87 -16.73 -20.49
CA LYS D 58 4.98 -17.58 -19.68
C LYS D 58 5.67 -18.77 -19.02
N ASP D 59 6.65 -19.36 -19.71
CA ASP D 59 7.49 -20.44 -19.13
C ASP D 59 8.59 -19.96 -18.12
N TRP D 60 8.50 -18.69 -17.76
CA TRP D 60 9.36 -18.04 -16.80
C TRP D 60 10.74 -17.73 -17.34
N SER D 61 11.02 -18.05 -18.59
CA SER D 61 12.36 -17.81 -19.13
C SER D 61 12.52 -16.36 -19.50
N PHE D 62 13.76 -15.89 -19.41
CA PHE D 62 14.08 -14.47 -19.49
C PHE D 62 14.40 -14.02 -20.89
N TYR D 63 14.14 -12.77 -21.16
CA TYR D 63 14.53 -12.21 -22.43
C TYR D 63 15.06 -10.76 -22.26
N LEU D 64 16.12 -10.45 -23.03
CA LEU D 64 16.71 -9.10 -23.14
C LEU D 64 17.12 -8.78 -24.55
N LEU D 65 16.95 -7.52 -24.91
CA LEU D 65 17.46 -6.93 -26.14
C LEU D 65 18.63 -6.02 -25.78
N TYR D 66 19.80 -6.35 -26.28
CA TYR D 66 21.00 -5.55 -26.20
C TYR D 66 21.13 -4.89 -27.54
N TYR D 67 21.58 -3.65 -27.58
CA TYR D 67 21.63 -2.89 -28.81
C TYR D 67 22.65 -1.79 -28.77
N THR D 68 23.06 -1.36 -29.96
CA THR D 68 23.99 -0.25 -30.10
C THR D 68 23.79 0.48 -31.42
N GLU D 69 23.73 1.80 -31.37
CA GLU D 69 23.73 2.65 -32.56
C GLU D 69 24.94 2.35 -33.44
N PHE D 70 24.75 2.28 -34.75
CA PHE D 70 25.88 1.97 -35.65
C PHE D 70 25.58 2.28 -37.13
N THR D 71 26.66 2.44 -37.91
CA THR D 71 26.61 2.78 -39.33
C THR D 71 27.27 1.65 -40.13
N PRO D 72 26.48 0.75 -40.71
CA PRO D 72 27.09 -0.38 -41.41
C PRO D 72 27.90 0.04 -42.65
N THR D 73 28.96 -0.71 -42.95
CA THR D 73 29.77 -0.51 -44.14
C THR D 73 30.01 -1.82 -44.83
N GLU D 74 30.42 -1.73 -46.09
CA GLU D 74 30.77 -2.92 -46.87
C GLU D 74 31.74 -3.88 -46.14
N LYS D 75 32.76 -3.34 -45.49
CA LYS D 75 33.79 -4.19 -44.93
C LYS D 75 33.71 -4.50 -43.43
N ASP D 76 32.85 -3.82 -42.67
CA ASP D 76 32.80 -4.07 -41.21
C ASP D 76 31.99 -5.30 -40.83
N GLU D 77 32.61 -6.20 -40.07
CA GLU D 77 31.95 -7.44 -39.63
C GLU D 77 31.48 -7.26 -38.18
N TYR D 78 30.26 -7.67 -37.90
CA TYR D 78 29.68 -7.57 -36.58
C TYR D 78 29.29 -8.94 -36.02
N ALA D 79 29.42 -9.13 -34.71
CA ALA D 79 28.91 -10.33 -34.09
C ALA D 79 28.33 -10.06 -32.69
N CYS D 80 27.65 -11.06 -32.14
CA CYS D 80 27.18 -11.06 -30.76
C CYS D 80 27.93 -12.13 -30.01
N ARG D 81 28.34 -11.85 -28.78
CA ARG D 81 29.06 -12.82 -27.97
C ARG D 81 28.35 -12.93 -26.65
N VAL D 82 27.97 -14.16 -26.32
CA VAL D 82 27.17 -14.43 -25.14
C VAL D 82 27.78 -15.46 -24.25
N ASN D 83 27.66 -15.21 -22.94
CA ASN D 83 28.04 -16.20 -21.97
C ASN D 83 27.00 -16.33 -20.88
N HIS D 84 26.94 -17.50 -20.26
CA HIS D 84 25.89 -17.87 -19.35
C HIS D 84 26.27 -19.18 -18.67
N VAL D 85 25.85 -19.39 -17.44
CA VAL D 85 26.19 -20.64 -16.68
C VAL D 85 25.93 -21.95 -17.49
N THR D 86 24.97 -21.96 -18.40
CA THR D 86 24.72 -23.13 -19.25
C THR D 86 25.71 -23.38 -20.41
N LEU D 87 26.61 -22.44 -20.68
CA LEU D 87 27.49 -22.52 -21.82
C LEU D 87 28.88 -22.72 -21.26
N SER D 88 29.56 -23.76 -21.73
CA SER D 88 30.88 -24.12 -21.19
C SER D 88 31.95 -23.22 -21.78
N GLN D 89 31.51 -22.39 -22.75
CA GLN D 89 32.32 -21.33 -23.28
C GLN D 89 31.43 -20.32 -24.00
N PRO D 90 31.91 -19.10 -24.25
CA PRO D 90 31.04 -18.16 -24.92
C PRO D 90 30.60 -18.61 -26.30
N LYS D 91 29.37 -18.28 -26.65
CA LYS D 91 28.86 -18.44 -27.97
C LYS D 91 28.99 -17.09 -28.73
N ILE D 92 29.49 -17.20 -29.96
CA ILE D 92 29.52 -16.12 -30.91
C ILE D 92 28.63 -16.41 -32.09
N VAL D 93 27.82 -15.45 -32.47
CA VAL D 93 26.98 -15.55 -33.65
C VAL D 93 27.24 -14.30 -34.46
N LYS D 94 27.39 -14.46 -35.77
CA LYS D 94 27.78 -13.35 -36.62
C LYS D 94 26.57 -12.67 -37.14
N TRP D 95 26.69 -11.38 -37.42
CA TRP D 95 25.60 -10.69 -38.01
C TRP D 95 25.70 -11.00 -39.49
N ASP D 96 24.59 -11.29 -40.12
CA ASP D 96 24.56 -11.66 -41.53
C ASP D 96 23.45 -10.80 -42.11
N ARG D 97 23.77 -9.88 -43.01
CA ARG D 97 22.73 -8.99 -43.50
C ARG D 97 21.40 -9.74 -43.69
N ASP D 98 21.39 -10.97 -44.22
CA ASP D 98 20.12 -11.73 -44.35
C ASP D 98 19.78 -12.83 -43.28
N MET D 99 19.91 -12.52 -41.98
CA MET D 99 19.38 -13.37 -40.87
C MET D 99 18.84 -12.54 -39.64
N ALA E 1 -1.50 0.75 -13.10
N ALA E 1 -1.56 0.77 -13.05
CA ALA E 1 -1.09 0.90 -11.72
CA ALA E 1 -0.99 0.90 -11.72
C ALA E 1 -0.91 -0.43 -11.04
C ALA E 1 -0.77 -0.46 -11.11
N ILE E 2 0.12 -0.60 -10.23
N ILE E 2 0.08 -0.58 -10.11
CA ILE E 2 0.36 -1.89 -9.59
CA ILE E 2 0.28 -1.92 -9.59
C ILE E 2 -0.48 -2.18 -8.39
C ILE E 2 -0.57 -2.24 -8.40
N MET E 3 -0.44 -3.42 -7.92
N MET E 3 -0.21 -3.33 -7.75
CA MET E 3 -1.17 -3.83 -6.74
CA MET E 3 -0.90 -3.79 -6.55
C MET E 3 -0.77 -3.08 -5.50
C MET E 3 -0.24 -3.19 -5.34
N TYR E 5 0.79 -8.70 7.00
N TYR E 5 0.34 -10.17 3.21
CA TYR E 5 1.34 -9.48 8.12
CA TYR E 5 0.75 -11.59 3.20
C TYR E 5 0.36 -10.19 9.08
C TYR E 5 1.90 -11.84 2.24
N PRO E 6 -0.70 -11.03 8.56
N PRO E 6 2.91 -12.40 3.12
CA PRO E 6 -1.69 -11.72 9.40
CA PRO E 6 4.09 -13.17 2.77
C PRO E 6 -1.19 -12.14 10.76
C PRO E 6 3.87 -14.65 2.58
N LYS E 7 -1.99 -11.82 11.79
N LYS E 7 4.78 -15.29 1.85
CA LYS E 7 -1.63 -12.17 13.17
CA LYS E 7 4.71 -16.73 1.58
C LYS E 7 -1.77 -13.63 13.40
C LYS E 7 5.05 -17.59 2.76
N ALA F 1 -0.22 11.06 7.38
N ALA F 1 0.00 11.04 7.31
CA ALA F 1 -0.61 10.00 6.47
CA ALA F 1 -0.66 10.00 6.53
C ALA F 1 -0.40 8.63 7.10
C ALA F 1 -0.48 8.66 7.21
N ILE F 2 -1.29 7.70 6.82
N ILE F 2 -1.29 7.68 6.82
CA ILE F 2 -1.12 6.42 7.46
CA ILE F 2 -1.13 6.40 7.48
C ILE F 2 -0.11 5.46 6.86
C ILE F 2 -0.26 5.39 6.80
N MET F 3 0.23 4.51 7.71
N MET F 3 0.07 4.38 7.58
CA MET F 3 1.15 3.44 7.39
CA MET F 3 0.89 3.30 7.06
C MET F 3 0.70 2.65 6.21
C MET F 3 0.26 2.71 5.85
N TYR F 5 1.58 -10.65 1.42
N TYR F 5 1.49 -8.85 6.14
CA TYR F 5 1.27 -11.87 2.26
CA TYR F 5 1.45 -9.74 7.30
C TYR F 5 2.33 -12.98 2.26
C TYR F 5 0.23 -9.43 8.15
N PRO F 6 3.30 -12.90 3.34
N PRO F 6 -0.40 -10.71 8.41
CA PRO F 6 4.49 -13.74 3.42
CA PRO F 6 -1.41 -10.99 9.41
C PRO F 6 4.27 -15.15 2.98
C PRO F 6 -0.90 -11.48 10.74
N LYS F 7 5.24 -15.65 2.19
N LYS F 7 -1.82 -11.54 11.69
CA LYS F 7 5.10 -17.00 1.69
CA LYS F 7 -1.67 -13.51 13.06
C LYS F 7 5.58 -17.95 2.75
C LYS F 7 -2.68 -7.91 15.62
#